data_1PA6
#
_entry.id   1PA6
#
_cell.length_a   93.110
_cell.length_b   93.110
_cell.length_c   422.680
_cell.angle_alpha   90.00
_cell.angle_beta   90.00
_cell.angle_gamma   120.00
#
_symmetry.space_group_name_H-M   'P 61 2 2'
#
loop_
_entity.id
_entity.type
_entity.pdbx_description
1 polymer "5'-D(*GP*GP*GP*GP*TP*TP*TP*TP*GP*AP*GP*G)-3'"
2 polymer "5'-D(*GP*GP*GP*GP*TP*TP*TP*TP*GP*GP*GP*G)-3'"
3 polymer 'Telomere-binding protein alpha subunit'
4 polymer 'Telomere-binding protein beta subunit'
5 non-polymer 'SODIUM ION'
6 non-polymer 'CHLORIDE ION'
7 water water
#
loop_
_entity_poly.entity_id
_entity_poly.type
_entity_poly.pdbx_seq_one_letter_code
_entity_poly.pdbx_strand_id
1 'polydeoxyribonucleotide' (DG)(DG)(DG)(DG)(DT)(DT)(DT)(DT)(DG)(DA)(DG)(DG) D
2 'polydeoxyribonucleotide' (DG)(DG)(DG)(DG)(DT)(DT)(DT)(DT)(DG)(DG)(DG)(DG) G,H
3 'polypeptide(L)'
;YEYVELAKASLTSAQPQHFYAVVIDATFPYKTNQERYICSLKIVDPTLYLKQQKGAGDASDYATLVLYAKRFEDLPIIHR
AGDIIRVHRATLRLYNGQRQFNANVFYSSSWALFSTDKRSVTQEINNQDAVSDTTPFSFSSKHATIEKNEISILQNLRKW
ANQYFSSYSVISSDMYTALNKAQAQKGDFDVVAKILQVHELDEYTNELKLKDASGQVFYTLSLKLKFPHVRTGEVVRIRS
ATYDETSTQKKVLILSHYSNIITFIQSSKLAKELRAKIQDDHSVEVASLKKNVSLNAVVLTEVDKKHAALPSTSLQDLFH
HADSDKELQAQDTFRTQFYVTKIEPSDVKEWVKGYDRKTKKSSSLKGASGKGDNIFQVQFLVKDASTQLNNNTYRVLLYT
QDGLGANFFNVKADNLHKNADARKKLEDSAELLTKFNSYVDAVVERRNGFYLIKDTKLIY
;
A
4 'polypeptide(L)'
;QQQSAFKQLYTELFNNEGDFSKVSSNLKKPLKCYVKESYPHFLVTDGYFFVAPYFTKEAVNEFHAKFPNVNIVDLTDKVI
VINNWSLELRRVNSAEVFTSYANLEARLIVHSFKPNLQERLNPTRYPVNLFRDDEFKTTIQHFRHTALQAAINKTVKGDN
LVDISKVADAAGKKGKVDAGIVKASASKGDEFSDFSFKEGNTATLKIADIFVQEKG
;
B
#
loop_
_chem_comp.id
_chem_comp.type
_chem_comp.name
_chem_comp.formula
CL non-polymer 'CHLORIDE ION' 'Cl -1'
DA DNA linking 2'-DEOXYADENOSINE-5'-MONOPHOSPHATE 'C10 H14 N5 O6 P'
DG DNA linking 2'-DEOXYGUANOSINE-5'-MONOPHOSPHATE 'C10 H14 N5 O7 P'
DT DNA linking THYMIDINE-5'-MONOPHOSPHATE 'C10 H15 N2 O8 P'
NA non-polymer 'SODIUM ION' 'Na 1'
#
# COMPACT_ATOMS: atom_id res chain seq x y z
N TYR D 1 -9.42 23.99 35.91
CA TYR D 1 -10.10 22.74 35.46
C TYR D 1 -9.99 21.60 36.46
N GLU D 2 -11.10 20.92 36.68
CA GLU D 2 -11.12 19.80 37.59
C GLU D 2 -11.31 18.54 36.77
N TYR D 3 -10.35 17.63 36.88
CA TYR D 3 -10.37 16.37 36.16
C TYR D 3 -10.96 15.25 36.99
N VAL D 4 -11.88 14.51 36.37
CA VAL D 4 -12.57 13.41 37.02
C VAL D 4 -12.20 12.10 36.34
N GLU D 5 -12.29 11.02 37.10
CA GLU D 5 -11.97 9.69 36.58
C GLU D 5 -13.16 9.11 35.84
N LEU D 6 -12.90 8.35 34.78
CA LEU D 6 -13.95 7.77 33.98
C LEU D 6 -15.12 7.15 34.70
N ALA D 7 -14.83 6.32 35.70
CA ALA D 7 -15.89 5.65 36.43
C ALA D 7 -16.60 6.55 37.42
N LYS D 8 -16.01 7.70 37.75
CA LYS D 8 -16.64 8.59 38.72
C LYS D 8 -17.35 9.81 38.11
N ALA D 9 -17.28 9.96 36.79
CA ALA D 9 -17.93 11.08 36.11
C ALA D 9 -19.43 10.95 36.31
N SER D 10 -20.11 12.07 36.47
CA SER D 10 -21.55 12.09 36.69
C SER D 10 -22.37 11.80 35.43
N LEU D 11 -23.40 10.98 35.59
CA LEU D 11 -24.27 10.65 34.47
C LEU D 11 -25.52 11.52 34.51
N THR D 12 -25.69 12.28 35.59
CA THR D 12 -26.87 13.11 35.72
C THR D 12 -26.61 14.60 35.57
N SER D 13 -25.40 15.04 35.88
CA SER D 13 -25.08 16.46 35.77
C SER D 13 -25.35 16.98 34.36
N ALA D 14 -24.91 16.23 33.35
CA ALA D 14 -25.07 16.64 31.96
C ALA D 14 -24.22 17.92 31.74
N GLN D 15 -23.41 18.27 32.73
CA GLN D 15 -22.53 19.43 32.64
C GLN D 15 -21.20 19.05 32.03
N PRO D 16 -20.50 20.01 31.42
CA PRO D 16 -19.21 19.68 30.81
C PRO D 16 -18.21 19.20 31.86
N GLN D 17 -17.58 18.07 31.59
CA GLN D 17 -16.60 17.51 32.49
C GLN D 17 -15.29 17.32 31.79
N HIS D 18 -14.23 17.14 32.55
CA HIS D 18 -12.90 17.02 31.96
C HIS D 18 -12.22 15.79 32.52
N PHE D 19 -11.37 15.17 31.72
CA PHE D 19 -10.67 13.98 32.16
C PHE D 19 -9.41 13.69 31.35
N TYR D 20 -8.59 12.77 31.85
CA TYR D 20 -7.36 12.33 31.20
C TYR D 20 -7.66 10.87 31.08
N ALA D 21 -7.24 10.24 29.99
CA ALA D 21 -7.54 8.83 29.82
C ALA D 21 -6.55 8.21 28.86
N VAL D 22 -6.58 6.90 28.76
CA VAL D 22 -5.68 6.21 27.85
C VAL D 22 -6.56 5.77 26.70
N VAL D 23 -6.04 5.88 25.48
CA VAL D 23 -6.76 5.52 24.28
C VAL D 23 -6.31 4.15 23.88
N ILE D 24 -7.24 3.22 23.79
CA ILE D 24 -6.89 1.87 23.42
C ILE D 24 -7.41 1.59 22.03
N ASP D 25 -8.29 2.45 21.55
CA ASP D 25 -8.80 2.23 20.20
C ASP D 25 -9.48 3.43 19.62
N ALA D 26 -9.39 3.54 18.30
CA ALA D 26 -10.00 4.68 17.67
C ALA D 26 -10.19 4.45 16.20
N THR D 27 -11.12 5.22 15.63
CA THR D 27 -11.38 5.16 14.20
C THR D 27 -10.53 6.29 13.68
N PHE D 28 -10.29 6.32 12.38
CA PHE D 28 -9.56 7.44 11.81
C PHE D 28 -10.62 8.55 11.81
N PRO D 29 -10.21 9.82 11.73
CA PRO D 29 -11.25 10.84 11.72
C PRO D 29 -11.90 10.77 10.33
N TYR D 30 -13.23 10.73 10.27
CA TYR D 30 -13.87 10.60 8.96
C TYR D 30 -15.04 11.55 8.74
N LYS D 31 -15.31 11.87 7.49
CA LYS D 31 -16.39 12.80 7.13
C LYS D 31 -17.76 12.10 6.95
N THR D 32 -18.79 12.60 7.63
CA THR D 32 -20.14 12.03 7.54
C THR D 32 -21.03 12.71 6.52
N ASN D 33 -20.89 14.01 6.39
CA ASN D 33 -21.71 14.72 5.42
C ASN D 33 -20.91 15.90 4.86
N GLN D 34 -21.64 16.92 4.44
CA GLN D 34 -21.00 18.10 3.89
C GLN D 34 -20.38 19.03 4.93
N GLU D 35 -20.69 18.83 6.20
CA GLU D 35 -20.14 19.71 7.22
C GLU D 35 -19.70 19.07 8.53
N ARG D 36 -19.61 17.74 8.58
CA ARG D 36 -19.22 17.10 9.83
C ARG D 36 -18.21 15.98 9.77
N TYR D 37 -17.31 15.97 10.75
CA TYR D 37 -16.30 14.93 10.85
C TYR D 37 -16.37 14.31 12.24
N ILE D 38 -16.18 13.00 12.29
CA ILE D 38 -16.24 12.29 13.54
C ILE D 38 -15.05 11.38 13.82
N CYS D 39 -14.73 11.23 15.10
CA CYS D 39 -13.67 10.33 15.57
C CYS D 39 -14.19 9.68 16.83
N SER D 40 -14.33 8.37 16.76
CA SER D 40 -14.82 7.58 17.86
C SER D 40 -13.64 6.83 18.42
N LEU D 41 -13.44 6.91 19.73
CA LEU D 41 -12.36 6.16 20.35
C LEU D 41 -12.79 5.51 21.64
N LYS D 42 -12.01 4.53 22.08
CA LYS D 42 -12.31 3.82 23.33
C LYS D 42 -11.23 4.25 24.34
N ILE D 43 -11.65 4.60 25.55
CA ILE D 43 -10.71 5.04 26.58
C ILE D 43 -10.83 4.31 27.90
N VAL D 44 -9.71 4.22 28.62
CA VAL D 44 -9.68 3.55 29.91
C VAL D 44 -8.88 4.40 30.89
N ASP D 45 -8.94 4.03 32.17
CA ASP D 45 -8.19 4.71 33.23
C ASP D 45 -8.20 3.80 34.48
N PRO D 46 -7.43 4.15 35.53
CA PRO D 46 -7.37 3.35 36.75
C PRO D 46 -8.71 2.83 37.26
N THR D 47 -9.77 3.61 37.09
CA THR D 47 -11.11 3.22 37.55
C THR D 47 -12.00 2.48 36.54
N LEU D 48 -11.54 2.29 35.30
CA LEU D 48 -12.34 1.62 34.27
C LEU D 48 -11.43 1.08 33.18
N TYR D 49 -11.18 -0.24 33.22
CA TYR D 49 -10.27 -0.84 32.27
C TYR D 49 -10.44 -2.34 32.10
N LEU D 50 -11.19 -2.95 33.02
CA LEU D 50 -11.40 -4.38 32.95
C LEU D 50 -12.74 -4.75 33.54
N LYS D 51 -13.41 -5.67 32.86
CA LYS D 51 -14.73 -6.13 33.26
C LYS D 51 -14.62 -7.13 34.41
N GLN D 52 -15.66 -7.16 35.24
CA GLN D 52 -15.74 -8.07 36.39
C GLN D 52 -15.12 -9.43 36.07
N GLN D 53 -13.83 -9.57 36.34
CA GLN D 53 -13.10 -10.80 36.08
C GLN D 53 -13.46 -11.96 37.01
N LYS D 54 -14.06 -12.99 36.41
CA LYS D 54 -14.49 -14.20 37.12
C LYS D 54 -15.07 -15.05 36.00
N GLY D 55 -16.03 -14.47 35.29
CA GLY D 55 -16.67 -15.12 34.17
C GLY D 55 -16.60 -14.18 32.99
N ALA D 56 -15.83 -13.11 33.13
CA ALA D 56 -15.64 -12.10 32.09
C ALA D 56 -14.64 -12.56 31.03
N GLY D 57 -13.60 -13.27 31.48
CA GLY D 57 -12.59 -13.76 30.55
C GLY D 57 -11.47 -12.75 30.35
N ASP D 58 -11.22 -11.96 31.40
CA ASP D 58 -10.17 -10.93 31.35
C ASP D 58 -10.38 -10.02 30.13
N ALA D 59 -11.65 -9.72 29.87
CA ALA D 59 -12.05 -8.87 28.75
C ALA D 59 -11.92 -7.43 29.23
N SER D 60 -11.40 -6.56 28.37
CA SER D 60 -11.22 -5.16 28.73
C SER D 60 -12.52 -4.36 28.79
N ASP D 61 -12.67 -3.57 29.84
CA ASP D 61 -13.85 -2.73 29.99
C ASP D 61 -13.41 -1.31 29.59
N TYR D 62 -14.33 -0.44 29.17
CA TYR D 62 -13.94 0.91 28.73
C TYR D 62 -15.07 1.89 28.51
N ALA D 63 -14.72 3.17 28.47
CA ALA D 63 -15.71 4.20 28.17
C ALA D 63 -15.53 4.44 26.66
N THR D 64 -16.38 5.27 26.06
CA THR D 64 -16.18 5.60 24.66
C THR D 64 -16.22 7.10 24.59
N LEU D 65 -15.51 7.63 23.60
CA LEU D 65 -15.43 9.05 23.37
C LEU D 65 -15.76 9.28 21.90
N VAL D 66 -16.66 10.21 21.65
CA VAL D 66 -17.03 10.55 20.27
C VAL D 66 -16.76 12.04 20.14
N LEU D 67 -15.83 12.40 19.28
CA LEU D 67 -15.46 13.79 19.07
C LEU D 67 -16.07 14.29 17.76
N TYR D 68 -16.74 15.43 17.80
CA TYR D 68 -17.36 15.99 16.61
C TYR D 68 -16.74 17.32 16.20
N ALA D 69 -16.53 17.50 14.90
CA ALA D 69 -15.91 18.71 14.38
C ALA D 69 -16.44 19.12 13.02
N LYS D 70 -16.07 20.33 12.62
CA LYS D 70 -16.48 20.84 11.32
C LYS D 70 -15.35 20.73 10.34
N ARG D 71 -14.18 20.41 10.85
CA ARG D 71 -12.99 20.26 10.02
C ARG D 71 -12.18 19.02 10.41
N PHE D 72 -11.56 18.39 9.42
CA PHE D 72 -10.75 17.20 9.65
C PHE D 72 -9.62 17.53 10.63
N GLU D 73 -8.84 18.55 10.31
CA GLU D 73 -7.74 18.97 11.13
C GLU D 73 -8.07 19.19 12.60
N ASP D 74 -9.35 19.25 12.95
CA ASP D 74 -9.75 19.46 14.33
C ASP D 74 -9.97 18.21 15.18
N LEU D 75 -9.67 17.04 14.63
CA LEU D 75 -9.84 15.77 15.31
C LEU D 75 -8.51 15.02 15.37
N PRO D 76 -8.28 14.23 16.44
CA PRO D 76 -7.07 13.44 16.69
C PRO D 76 -6.84 12.23 15.82
N ILE D 77 -5.61 12.08 15.33
CA ILE D 77 -5.27 10.94 14.53
C ILE D 77 -4.48 10.01 15.46
N ILE D 78 -5.07 8.87 15.79
CA ILE D 78 -4.47 7.91 16.71
C ILE D 78 -3.79 6.85 15.91
N HIS D 79 -2.47 6.87 15.90
CA HIS D 79 -1.68 5.88 15.17
C HIS D 79 -1.27 4.78 16.12
N ARG D 80 -1.29 5.05 17.42
CA ARG D 80 -0.83 4.10 18.42
C ARG D 80 -1.73 3.99 19.64
N ALA D 81 -1.96 2.75 20.07
CA ALA D 81 -2.79 2.50 21.24
C ALA D 81 -1.91 2.62 22.49
N GLY D 82 -2.43 3.26 23.54
CA GLY D 82 -1.61 3.42 24.73
C GLY D 82 -1.29 4.85 25.08
N ASP D 83 -1.25 5.73 24.10
CA ASP D 83 -0.96 7.14 24.42
C ASP D 83 -2.15 7.67 25.20
N ILE D 84 -1.99 8.87 25.74
CA ILE D 84 -2.99 9.53 26.56
C ILE D 84 -3.66 10.71 25.84
N ILE D 85 -4.90 10.98 26.23
CA ILE D 85 -5.69 12.07 25.67
C ILE D 85 -6.34 12.86 26.80
N ARG D 86 -6.28 14.18 26.70
CA ARG D 86 -6.89 15.02 27.70
C ARG D 86 -8.02 15.72 26.92
N VAL D 87 -9.21 15.73 27.51
CA VAL D 87 -10.41 16.31 26.91
C VAL D 87 -11.00 17.35 27.83
N HIS D 88 -11.55 18.41 27.27
CA HIS D 88 -12.17 19.46 28.07
C HIS D 88 -13.62 19.66 27.64
N ARG D 89 -14.50 19.92 28.60
CA ARG D 89 -15.90 20.16 28.28
C ARG D 89 -16.57 19.06 27.47
N ALA D 90 -16.67 17.88 28.04
CA ALA D 90 -17.31 16.73 27.40
C ALA D 90 -18.59 16.45 28.22
N THR D 91 -19.65 15.97 27.56
CA THR D 91 -20.90 15.64 28.25
C THR D 91 -20.98 14.12 28.24
N LEU D 92 -21.41 13.55 29.35
CA LEU D 92 -21.50 12.10 29.48
C LEU D 92 -22.91 11.55 29.54
N ARG D 93 -23.13 10.44 28.87
CA ARG D 93 -24.43 9.82 28.91
C ARG D 93 -24.27 8.35 28.67
N LEU D 94 -25.30 7.61 29.03
CA LEU D 94 -25.30 6.17 28.85
C LEU D 94 -25.79 5.87 27.45
N TYR D 95 -25.05 5.05 26.74
CA TYR D 95 -25.42 4.66 25.38
C TYR D 95 -25.32 3.15 25.34
N ASN D 96 -26.48 2.52 25.30
CA ASN D 96 -26.59 1.06 25.26
C ASN D 96 -25.74 0.38 26.32
N GLY D 97 -25.87 0.84 27.56
CA GLY D 97 -25.14 0.25 28.65
C GLY D 97 -23.77 0.80 28.97
N GLN D 98 -23.12 1.49 28.04
CA GLN D 98 -21.81 1.98 28.39
C GLN D 98 -21.68 3.49 28.40
N ARG D 99 -20.77 3.97 29.24
CA ARG D 99 -20.52 5.40 29.43
C ARG D 99 -19.94 6.01 28.17
N GLN D 100 -20.66 6.99 27.61
CA GLN D 100 -20.23 7.63 26.37
C GLN D 100 -19.99 9.13 26.56
N PHE D 101 -18.75 9.57 26.38
CA PHE D 101 -18.44 10.98 26.52
C PHE D 101 -18.52 11.57 25.12
N ASN D 102 -19.18 12.71 25.00
CA ASN D 102 -19.32 13.37 23.72
C ASN D 102 -18.77 14.78 23.83
N ALA D 103 -18.05 15.22 22.81
CA ALA D 103 -17.50 16.56 22.84
C ALA D 103 -17.55 17.18 21.47
N ASN D 104 -18.22 18.32 21.34
CA ASN D 104 -18.28 19.02 20.05
C ASN D 104 -17.08 19.95 19.98
N VAL D 105 -16.07 19.53 19.26
CA VAL D 105 -14.87 20.34 19.14
C VAL D 105 -15.17 21.62 18.39
N PHE D 106 -16.19 21.59 17.54
CA PHE D 106 -16.57 22.76 16.76
C PHE D 106 -17.21 23.83 17.61
N TYR D 107 -17.46 23.51 18.87
CA TYR D 107 -18.07 24.49 19.74
C TYR D 107 -17.16 24.98 20.84
N SER D 108 -17.09 24.24 21.94
CA SER D 108 -16.26 24.67 23.04
C SER D 108 -15.44 23.55 23.66
N SER D 109 -15.42 22.39 23.01
CA SER D 109 -14.66 21.25 23.52
C SER D 109 -13.25 21.18 22.92
N SER D 110 -12.34 20.52 23.63
CA SER D 110 -10.96 20.38 23.15
C SER D 110 -10.31 19.12 23.66
N TRP D 111 -9.29 18.71 22.93
CA TRP D 111 -8.52 17.53 23.28
C TRP D 111 -7.03 17.84 23.13
N ALA D 112 -6.23 16.96 23.69
CA ALA D 112 -4.80 17.08 23.67
C ALA D 112 -4.27 15.67 23.80
N LEU D 113 -3.24 15.36 23.04
CA LEU D 113 -2.66 14.04 23.08
C LEU D 113 -1.28 14.10 23.67
N PHE D 114 -0.98 13.13 24.53
CA PHE D 114 0.34 13.07 25.14
C PHE D 114 0.89 11.70 24.90
N SER D 115 2.19 11.66 24.63
CA SER D 115 2.88 10.42 24.37
C SER D 115 3.14 9.64 25.65
N THR D 116 2.91 8.32 25.62
CA THR D 116 3.18 7.52 26.78
C THR D 116 4.63 7.06 26.66
N ASP D 117 5.08 6.77 25.45
CA ASP D 117 6.47 6.39 25.25
C ASP D 117 7.32 7.66 25.16
N LYS D 118 8.64 7.51 25.11
CA LYS D 118 9.54 8.66 25.04
C LYS D 118 9.10 9.62 23.94
N ARG D 119 8.88 9.05 22.76
CA ARG D 119 8.48 9.78 21.56
C ARG D 119 7.09 9.35 21.08
N SER D 120 6.46 10.22 20.30
CA SER D 120 5.16 9.97 19.70
C SER D 120 5.44 9.22 18.40
N VAL D 121 4.42 8.65 17.77
CA VAL D 121 4.65 7.92 16.53
C VAL D 121 5.35 8.81 15.49
N THR D 122 4.81 10.02 15.29
CA THR D 122 5.37 10.95 14.31
C THR D 122 6.82 11.30 14.64
N GLN D 123 7.11 11.50 15.92
CA GLN D 123 8.47 11.83 16.33
C GLN D 123 9.44 10.70 16.04
N GLU D 124 9.02 9.45 16.27
CA GLU D 124 9.89 8.32 15.98
C GLU D 124 10.12 8.17 14.49
N ILE D 125 9.10 8.50 13.68
CA ILE D 125 9.22 8.39 12.24
C ILE D 125 10.21 9.40 11.70
N ASN D 126 10.25 10.56 12.35
CA ASN D 126 11.15 11.61 11.92
C ASN D 126 12.41 11.66 12.76
N ASN D 127 12.50 10.76 13.72
CA ASN D 127 13.64 10.71 14.61
C ASN D 127 13.83 12.08 15.24
N GLN D 128 12.81 12.49 15.97
CA GLN D 128 12.79 13.77 16.65
C GLN D 128 12.68 13.50 18.15
N ASP D 129 13.08 14.48 18.96
CA ASP D 129 12.99 14.36 20.42
C ASP D 129 11.81 15.22 20.88
N ALA D 130 11.11 14.79 21.91
CA ALA D 130 9.95 15.53 22.42
C ALA D 130 10.37 16.76 23.21
N VAL D 131 9.73 17.89 22.94
CA VAL D 131 10.07 19.13 23.63
C VAL D 131 10.26 18.89 25.14
N SER D 132 9.36 18.09 25.72
CA SER D 132 9.41 17.75 27.13
C SER D 132 8.32 16.72 27.41
N ASP D 133 8.41 16.05 28.55
CA ASP D 133 7.43 15.04 28.90
C ASP D 133 6.10 15.60 29.35
N THR D 134 5.92 16.91 29.21
CA THR D 134 4.66 17.53 29.59
C THR D 134 4.06 18.29 28.43
N THR D 135 4.71 18.14 27.27
CA THR D 135 4.25 18.79 26.05
C THR D 135 3.40 17.83 25.21
N PRO D 136 2.22 18.27 24.77
CA PRO D 136 1.29 17.49 23.95
C PRO D 136 1.85 17.44 22.54
N PHE D 137 1.85 16.27 21.90
CA PHE D 137 2.35 16.21 20.54
C PHE D 137 1.29 16.61 19.53
N SER D 138 0.07 16.78 20.00
CA SER D 138 -1.04 17.16 19.14
C SER D 138 -2.19 17.64 20.00
N PHE D 139 -2.94 18.61 19.51
CA PHE D 139 -4.05 19.17 20.26
C PHE D 139 -4.96 20.03 19.38
N SER D 140 -6.18 20.27 19.84
CA SER D 140 -7.14 21.07 19.08
C SER D 140 -7.07 22.53 19.49
N SER D 141 -7.53 23.42 18.61
CA SER D 141 -7.52 24.88 18.83
C SER D 141 -6.10 25.39 18.63
N LYS D 142 -5.88 26.69 18.80
CA LYS D 142 -4.55 27.24 18.60
C LYS D 142 -3.62 27.14 19.81
N HIS D 143 -4.19 26.89 20.99
CA HIS D 143 -3.41 26.79 22.22
C HIS D 143 -3.75 25.63 23.13
N ALA D 144 -2.74 25.18 23.87
CA ALA D 144 -2.86 24.10 24.83
C ALA D 144 -2.05 24.51 26.06
N THR D 145 -2.68 24.48 27.23
CA THR D 145 -1.99 24.84 28.47
C THR D 145 -2.00 23.68 29.46
N ILE D 146 -0.83 23.40 30.05
CA ILE D 146 -0.70 22.34 31.05
C ILE D 146 -0.29 23.00 32.37
N GLU D 147 -1.21 23.01 33.34
CA GLU D 147 -0.94 23.61 34.66
C GLU D 147 0.00 22.73 35.48
N LYS D 148 0.66 23.32 36.47
CA LYS D 148 1.60 22.58 37.32
C LYS D 148 0.96 21.36 38.00
N ASN D 149 -0.29 21.51 38.44
CA ASN D 149 -0.98 20.43 39.13
C ASN D 149 -1.27 19.21 38.25
N GLU D 150 -1.37 19.42 36.95
CA GLU D 150 -1.63 18.33 36.02
C GLU D 150 -0.44 17.40 35.87
N ILE D 151 0.77 17.95 35.95
CA ILE D 151 1.96 17.14 35.79
C ILE D 151 1.86 15.81 36.53
N SER D 152 1.37 15.83 37.77
CA SER D 152 1.24 14.59 38.55
C SER D 152 0.23 13.64 37.92
N ILE D 153 -0.90 14.17 37.47
CA ILE D 153 -1.92 13.34 36.84
C ILE D 153 -1.36 12.63 35.61
N LEU D 154 -0.66 13.40 34.77
CA LEU D 154 -0.07 12.87 33.56
C LEU D 154 1.05 11.87 33.83
N GLN D 155 1.93 12.15 34.79
CA GLN D 155 3.01 11.23 35.08
C GLN D 155 2.50 9.92 35.64
N ASN D 156 1.52 10.02 36.53
CA ASN D 156 0.92 8.85 37.15
C ASN D 156 0.16 8.02 36.12
N LEU D 157 -0.60 8.67 35.25
CA LEU D 157 -1.34 7.95 34.21
C LEU D 157 -0.39 7.18 33.30
N ARG D 158 0.76 7.76 32.98
CA ARG D 158 1.74 7.07 32.12
C ARG D 158 2.23 5.84 32.84
N LYS D 159 2.52 5.99 34.13
CA LYS D 159 3.02 4.88 34.91
C LYS D 159 2.00 3.75 34.93
N TRP D 160 0.74 4.13 35.01
CA TRP D 160 -0.35 3.18 35.04
C TRP D 160 -0.52 2.52 33.68
N ALA D 161 -0.47 3.32 32.63
CA ALA D 161 -0.62 2.81 31.28
C ALA D 161 0.39 1.72 30.97
N ASN D 162 1.64 1.91 31.37
CA ASN D 162 2.63 0.86 31.09
C ASN D 162 2.31 -0.39 31.91
N GLN D 163 1.95 -0.22 33.18
CA GLN D 163 1.61 -1.35 34.04
C GLN D 163 0.46 -2.10 33.38
N TYR D 164 -0.54 -1.35 32.92
CA TYR D 164 -1.72 -1.91 32.26
C TYR D 164 -1.33 -2.73 31.02
N PHE D 165 -0.68 -2.08 30.04
CA PHE D 165 -0.29 -2.77 28.80
C PHE D 165 0.71 -3.91 28.96
N SER D 166 1.50 -3.92 30.03
CA SER D 166 2.45 -5.01 30.20
C SER D 166 1.79 -6.15 30.96
N SER D 167 0.72 -5.82 31.69
CA SER D 167 0.03 -6.82 32.48
C SER D 167 -1.16 -7.50 31.81
N TYR D 168 -1.84 -6.77 30.92
CA TYR D 168 -3.02 -7.27 30.21
C TYR D 168 -2.89 -7.10 28.71
N SER D 169 -3.75 -7.77 27.96
CA SER D 169 -3.73 -7.64 26.51
C SER D 169 -4.30 -6.31 26.02
N VAL D 170 -5.17 -5.70 26.83
CA VAL D 170 -5.84 -4.42 26.52
C VAL D 170 -6.77 -4.67 25.35
N ILE D 171 -6.23 -5.04 24.20
CA ILE D 171 -7.07 -5.38 23.07
C ILE D 171 -7.40 -6.86 23.30
N SER D 172 -8.48 -7.13 24.03
CA SER D 172 -8.86 -8.53 24.32
C SER D 172 -9.38 -9.31 23.12
N SER D 173 -9.44 -10.64 23.23
CA SER D 173 -9.91 -11.51 22.14
C SER D 173 -11.27 -11.11 21.60
N ASP D 174 -12.12 -10.56 22.46
CA ASP D 174 -13.43 -10.15 22.00
C ASP D 174 -13.34 -8.85 21.21
N MET D 175 -12.15 -8.29 21.06
CA MET D 175 -12.05 -7.06 20.31
C MET D 175 -11.57 -7.22 18.88
N TYR D 176 -11.49 -8.45 18.41
CA TYR D 176 -11.06 -8.68 17.05
C TYR D 176 -11.41 -10.09 16.55
N THR D 177 -11.21 -10.33 15.26
CA THR D 177 -11.55 -11.60 14.63
C THR D 177 -10.36 -12.29 13.96
N ALA D 178 -10.22 -13.60 14.17
CA ALA D 178 -9.11 -14.34 13.58
C ALA D 178 -9.26 -14.39 12.05
N LEU D 179 -8.16 -14.04 11.38
CA LEU D 179 -8.11 -14.00 9.94
C LEU D 179 -8.62 -15.21 9.22
N ASN D 180 -8.42 -16.39 9.81
CA ASN D 180 -8.89 -17.61 9.16
C ASN D 180 -10.40 -17.83 9.31
N LYS D 181 -11.08 -16.91 10.00
CA LYS D 181 -12.52 -16.98 10.18
C LYS D 181 -13.07 -15.68 9.63
N ALA D 182 -12.23 -14.94 8.93
CA ALA D 182 -12.62 -13.65 8.37
C ALA D 182 -13.73 -13.70 7.31
N GLN D 183 -13.79 -14.80 6.57
CA GLN D 183 -14.81 -14.98 5.55
C GLN D 183 -16.19 -15.33 6.11
N ALA D 184 -16.25 -15.60 7.40
CA ALA D 184 -17.51 -15.94 8.04
C ALA D 184 -18.23 -14.72 8.57
N GLN D 185 -17.55 -13.59 8.70
CA GLN D 185 -18.21 -12.39 9.17
C GLN D 185 -19.24 -11.87 8.17
N LYS D 186 -20.31 -11.28 8.71
CA LYS D 186 -21.40 -10.71 7.91
C LYS D 186 -20.90 -9.36 7.35
N GLY D 187 -20.38 -8.51 8.24
CA GLY D 187 -19.90 -7.22 7.80
C GLY D 187 -18.43 -7.01 8.10
N ASP D 188 -18.11 -5.85 8.68
CA ASP D 188 -16.73 -5.53 8.99
C ASP D 188 -16.34 -6.13 10.31
N PHE D 189 -15.03 -6.15 10.56
CA PHE D 189 -14.48 -6.73 11.77
C PHE D 189 -13.03 -6.24 12.01
N ASP D 190 -12.57 -6.29 13.25
CA ASP D 190 -11.22 -5.84 13.59
C ASP D 190 -10.18 -6.98 13.47
N VAL D 191 -8.90 -6.61 13.39
CA VAL D 191 -7.83 -7.60 13.25
C VAL D 191 -6.65 -7.25 14.15
N VAL D 192 -5.86 -8.26 14.52
CA VAL D 192 -4.65 -8.01 15.26
C VAL D 192 -3.65 -8.92 14.61
N ALA D 193 -2.74 -8.34 13.84
CA ALA D 193 -1.78 -9.17 13.12
C ALA D 193 -0.38 -8.56 13.05
N LYS D 194 0.56 -9.36 12.61
CA LYS D 194 1.91 -8.90 12.48
C LYS D 194 2.16 -8.49 11.03
N ILE D 195 2.87 -7.38 10.85
CA ILE D 195 3.19 -6.92 9.51
C ILE D 195 4.42 -7.67 9.05
N LEU D 196 4.23 -8.61 8.13
CA LEU D 196 5.32 -9.42 7.61
C LEU D 196 6.08 -8.74 6.48
N GLN D 197 5.37 -7.90 5.71
CA GLN D 197 5.96 -7.22 4.56
C GLN D 197 5.22 -5.93 4.22
N VAL D 198 5.96 -4.93 3.76
CA VAL D 198 5.38 -3.67 3.33
C VAL D 198 5.87 -3.55 1.91
N HIS D 199 4.96 -3.79 0.96
CA HIS D 199 5.31 -3.71 -0.44
C HIS D 199 4.78 -2.39 -0.99
N GLU D 200 5.64 -1.64 -1.64
CA GLU D 200 5.24 -0.37 -2.22
C GLU D 200 4.61 -0.74 -3.57
N LEU D 201 3.28 -0.75 -3.60
CA LEU D 201 2.57 -1.10 -4.82
C LEU D 201 2.75 0.04 -5.82
N ASP D 202 2.57 1.26 -5.34
CA ASP D 202 2.73 2.42 -6.19
C ASP D 202 3.11 3.68 -5.42
N GLU D 203 3.10 4.81 -6.14
CA GLU D 203 3.47 6.08 -5.56
C GLU D 203 2.66 6.50 -4.33
N TYR D 204 1.46 5.98 -4.14
CA TYR D 204 0.67 6.41 -2.98
C TYR D 204 0.16 5.28 -2.10
N THR D 205 0.36 4.05 -2.55
CA THR D 205 -0.17 2.88 -1.84
C THR D 205 0.76 1.77 -1.39
N ASN D 206 0.71 1.41 -0.11
CA ASN D 206 1.51 0.28 0.35
C ASN D 206 0.56 -0.93 0.39
N GLU D 207 1.10 -2.13 0.17
CA GLU D 207 0.30 -3.35 0.28
C GLU D 207 0.95 -4.13 1.42
N LEU D 208 0.26 -4.19 2.55
CA LEU D 208 0.72 -4.90 3.75
C LEU D 208 0.47 -6.41 3.69
N LYS D 209 1.46 -7.19 4.12
CA LYS D 209 1.32 -8.65 4.17
C LYS D 209 1.10 -9.00 5.65
N LEU D 210 -0.14 -9.24 6.05
CA LEU D 210 -0.43 -9.55 7.44
C LEU D 210 -0.54 -11.04 7.77
N LYS D 211 -0.24 -11.38 9.01
CA LYS D 211 -0.38 -12.75 9.50
C LYS D 211 -0.77 -12.54 10.94
N ASP D 212 -1.80 -13.23 11.41
CA ASP D 212 -2.21 -13.05 12.80
C ASP D 212 -1.90 -14.34 13.52
N ALA D 213 -2.36 -14.47 14.76
CA ALA D 213 -2.09 -15.68 15.54
C ALA D 213 -2.60 -17.00 14.97
N SER D 214 -3.70 -16.95 14.23
CA SER D 214 -4.31 -18.15 13.62
C SER D 214 -3.48 -18.67 12.49
N GLY D 215 -2.45 -17.92 12.11
CA GLY D 215 -1.58 -18.36 11.02
C GLY D 215 -2.00 -18.03 9.59
N GLN D 216 -3.16 -17.40 9.43
CA GLN D 216 -3.65 -17.03 8.10
C GLN D 216 -2.94 -15.76 7.64
N VAL D 217 -2.62 -15.73 6.36
CA VAL D 217 -1.95 -14.60 5.75
C VAL D 217 -2.95 -13.82 4.89
N PHE D 218 -3.01 -12.50 5.06
CA PHE D 218 -3.89 -11.65 4.26
C PHE D 218 -3.12 -10.43 3.79
N TYR D 219 -3.62 -9.81 2.72
CA TYR D 219 -3.01 -8.59 2.24
C TYR D 219 -4.08 -7.54 2.35
N THR D 220 -3.66 -6.29 2.39
CA THR D 220 -4.57 -5.16 2.49
C THR D 220 -3.81 -3.95 1.95
N LEU D 221 -4.52 -2.93 1.47
CA LEU D 221 -3.86 -1.75 0.95
C LEU D 221 -3.84 -0.61 1.94
N SER D 222 -2.65 -0.06 2.12
CA SER D 222 -2.45 1.01 3.05
C SER D 222 -1.90 2.26 2.32
N LEU D 223 -2.64 3.35 2.40
CA LEU D 223 -2.16 4.58 1.77
C LEU D 223 -0.97 5.08 2.56
N LYS D 224 0.12 5.40 1.87
CA LYS D 224 1.32 5.90 2.55
C LYS D 224 1.04 7.11 3.43
N LEU D 225 0.36 8.12 2.88
CA LEU D 225 0.06 9.33 3.65
C LEU D 225 -0.90 9.16 4.81
N LYS D 226 -1.75 8.13 4.77
CA LYS D 226 -2.70 7.93 5.87
C LYS D 226 -2.09 7.14 7.03
N PHE D 227 -1.33 6.10 6.68
CA PHE D 227 -0.65 5.22 7.66
C PHE D 227 0.84 5.16 7.38
N PRO D 228 1.56 6.25 7.69
CA PRO D 228 3.00 6.32 7.47
C PRO D 228 3.80 5.52 8.49
N HIS D 229 3.12 5.07 9.54
CA HIS D 229 3.80 4.33 10.59
C HIS D 229 3.90 2.83 10.40
N VAL D 230 3.32 2.26 9.35
CA VAL D 230 3.42 0.83 9.15
C VAL D 230 4.89 0.40 8.99
N ARG D 231 5.28 -0.66 9.72
CA ARG D 231 6.64 -1.18 9.69
C ARG D 231 6.69 -2.69 9.78
N THR D 232 7.51 -3.29 8.94
CA THR D 232 7.68 -4.73 8.93
C THR D 232 8.13 -5.24 10.33
N GLY D 233 7.60 -6.40 10.71
CA GLY D 233 7.91 -6.99 12.00
C GLY D 233 7.08 -6.45 13.16
N GLU D 234 6.31 -5.39 12.94
CA GLU D 234 5.50 -4.82 14.02
C GLU D 234 4.10 -5.37 14.06
N VAL D 235 3.47 -5.23 15.22
CA VAL D 235 2.12 -5.73 15.40
C VAL D 235 1.10 -4.60 15.45
N VAL D 236 0.11 -4.67 14.57
CA VAL D 236 -0.93 -3.63 14.60
C VAL D 236 -2.33 -4.17 14.84
N ARG D 237 -3.21 -3.26 15.22
CA ARG D 237 -4.61 -3.59 15.38
C ARG D 237 -5.31 -2.83 14.26
N ILE D 238 -6.04 -3.54 13.41
CA ILE D 238 -6.75 -2.84 12.36
C ILE D 238 -8.20 -2.61 12.75
N ARG D 239 -8.64 -1.36 12.82
CA ARG D 239 -10.03 -1.05 13.12
C ARG D 239 -10.88 -1.03 11.86
N SER D 240 -11.80 -1.99 11.76
CA SER D 240 -12.76 -2.09 10.67
C SER D 240 -12.26 -2.47 9.31
N ALA D 241 -12.37 -3.76 9.02
CA ALA D 241 -11.96 -4.26 7.74
C ALA D 241 -13.09 -5.17 7.30
N THR D 242 -13.03 -5.60 6.06
CA THR D 242 -14.05 -6.48 5.55
C THR D 242 -13.34 -7.45 4.63
N TYR D 243 -13.90 -8.65 4.50
CA TYR D 243 -13.32 -9.68 3.66
C TYR D 243 -13.75 -9.41 2.21
N ASP D 244 -12.81 -9.53 1.26
CA ASP D 244 -13.07 -9.28 -0.16
C ASP D 244 -13.44 -10.54 -0.92
N GLU D 245 -14.72 -10.70 -1.27
CA GLU D 245 -15.12 -11.91 -2.01
C GLU D 245 -14.66 -11.92 -3.45
N THR D 246 -14.26 -10.77 -3.99
CA THR D 246 -13.80 -10.72 -5.39
C THR D 246 -12.33 -11.06 -5.56
N SER D 247 -11.57 -11.20 -4.48
CA SER D 247 -10.17 -11.56 -4.68
C SER D 247 -10.06 -13.06 -4.67
N THR D 248 -9.71 -13.58 -5.83
CA THR D 248 -9.58 -15.00 -6.01
C THR D 248 -8.12 -15.46 -5.93
N GLN D 249 -7.20 -14.60 -6.38
CA GLN D 249 -5.78 -14.95 -6.35
C GLN D 249 -5.14 -14.89 -4.97
N LYS D 250 -5.60 -13.99 -4.13
CA LYS D 250 -5.04 -13.89 -2.78
C LYS D 250 -6.06 -13.39 -1.80
N LYS D 251 -5.80 -13.63 -0.52
CA LYS D 251 -6.68 -13.21 0.55
C LYS D 251 -6.38 -11.74 0.80
N VAL D 252 -7.42 -10.91 0.64
CA VAL D 252 -7.36 -9.45 0.74
C VAL D 252 -8.38 -8.82 1.69
N LEU D 253 -7.95 -7.85 2.48
CA LEU D 253 -8.85 -7.14 3.39
C LEU D 253 -9.06 -5.75 2.80
N ILE D 254 -10.30 -5.26 2.87
CA ILE D 254 -10.66 -3.96 2.34
C ILE D 254 -10.78 -3.04 3.54
N LEU D 255 -10.28 -1.82 3.39
CA LEU D 255 -10.34 -0.90 4.48
C LEU D 255 -11.20 0.24 3.99
N SER D 256 -11.67 1.06 4.90
CA SER D 256 -12.52 2.16 4.52
C SER D 256 -11.95 3.49 4.95
N HIS D 257 -12.62 4.57 4.57
CA HIS D 257 -12.07 5.84 4.95
C HIS D 257 -12.05 6.01 6.46
N TYR D 258 -12.93 5.32 7.20
CA TYR D 258 -12.92 5.46 8.65
C TYR D 258 -12.02 4.43 9.35
N SER D 259 -11.61 3.38 8.64
CA SER D 259 -10.74 2.35 9.22
C SER D 259 -9.42 2.95 9.71
N ASN D 260 -8.73 2.21 10.59
CA ASN D 260 -7.48 2.68 11.20
C ASN D 260 -6.49 1.55 11.45
N ILE D 261 -5.20 1.83 11.32
CA ILE D 261 -4.14 0.84 11.58
C ILE D 261 -3.45 1.42 12.82
N ILE D 262 -3.36 0.61 13.88
CA ILE D 262 -2.86 1.08 15.17
C ILE D 262 -1.71 0.28 15.77
N THR D 263 -0.67 0.96 16.22
CA THR D 263 0.42 0.20 16.84
C THR D 263 0.33 0.23 18.34
N PHE D 264 1.19 -0.52 19.00
CA PHE D 264 1.15 -0.56 20.46
C PHE D 264 2.36 0.13 21.08
N ILE D 265 2.18 0.65 22.29
CA ILE D 265 3.29 1.28 22.97
C ILE D 265 4.29 0.19 23.35
N GLN D 266 5.52 0.61 23.60
CA GLN D 266 6.62 -0.30 23.91
C GLN D 266 6.32 -1.34 24.98
N SER D 267 5.54 -0.98 25.99
CA SER D 267 5.23 -1.93 27.07
C SER D 267 4.16 -2.98 26.77
N SER D 268 3.53 -2.90 25.61
CA SER D 268 2.47 -3.84 25.30
C SER D 268 2.84 -5.31 25.35
N LYS D 269 2.12 -6.03 26.20
CA LYS D 269 2.32 -7.44 26.36
C LYS D 269 1.89 -8.16 25.10
N LEU D 270 0.73 -7.77 24.57
CA LEU D 270 0.20 -8.41 23.36
C LEU D 270 1.15 -8.22 22.19
N ALA D 271 1.60 -6.99 21.96
CA ALA D 271 2.52 -6.72 20.87
C ALA D 271 3.83 -7.48 21.04
N LYS D 272 4.28 -7.66 22.28
CA LYS D 272 5.53 -8.36 22.50
C LYS D 272 5.39 -9.85 22.19
N GLU D 273 4.32 -10.46 22.69
CA GLU D 273 4.09 -11.89 22.46
C GLU D 273 3.85 -12.21 20.99
N LEU D 274 3.13 -11.33 20.30
CA LEU D 274 2.85 -11.57 18.89
C LEU D 274 4.08 -11.40 18.02
N ARG D 275 4.91 -10.41 18.32
CA ARG D 275 6.11 -10.23 17.53
C ARG D 275 6.97 -11.50 17.57
N ALA D 276 6.93 -12.22 18.69
CA ALA D 276 7.73 -13.44 18.83
C ALA D 276 7.00 -14.70 18.34
N LYS D 277 5.72 -14.79 18.63
CA LYS D 277 4.94 -15.95 18.23
C LYS D 277 4.69 -16.06 16.73
N ILE D 278 4.27 -14.97 16.09
CA ILE D 278 4.00 -15.01 14.65
C ILE D 278 5.28 -15.01 13.81
N GLN D 279 5.51 -16.08 13.07
CA GLN D 279 6.72 -16.13 12.27
C GLN D 279 6.46 -15.99 10.78
N ASP D 280 7.47 -15.49 10.07
CA ASP D 280 7.36 -15.24 8.65
C ASP D 280 6.87 -16.45 7.89
N ASP D 281 6.07 -16.18 6.87
CA ASP D 281 5.50 -17.21 6.03
C ASP D 281 5.90 -16.96 4.60
N HIS D 282 6.34 -17.99 3.90
CA HIS D 282 6.72 -17.84 2.51
C HIS D 282 5.92 -18.80 1.67
N SER D 283 4.89 -19.38 2.27
CA SER D 283 4.06 -20.34 1.55
C SER D 283 3.45 -19.66 0.33
N VAL D 284 2.96 -18.44 0.50
CA VAL D 284 2.34 -17.72 -0.61
C VAL D 284 3.32 -17.52 -1.76
N GLU D 285 4.55 -17.14 -1.43
CA GLU D 285 5.58 -16.91 -2.42
C GLU D 285 5.93 -18.21 -3.15
N VAL D 286 6.23 -19.25 -2.38
CA VAL D 286 6.60 -20.54 -2.97
C VAL D 286 5.54 -21.06 -3.94
N ALA D 287 4.28 -20.97 -3.55
CA ALA D 287 3.19 -21.43 -4.41
C ALA D 287 3.12 -20.64 -5.71
N SER D 288 3.26 -19.32 -5.60
CA SER D 288 3.19 -18.43 -6.76
C SER D 288 4.27 -18.67 -7.77
N LEU D 289 5.42 -19.15 -7.32
CA LEU D 289 6.52 -19.40 -8.24
C LEU D 289 6.24 -20.56 -9.20
N LYS D 290 5.14 -21.28 -8.96
CA LYS D 290 4.80 -22.40 -9.82
C LYS D 290 3.84 -21.94 -10.90
N LYS D 291 3.30 -20.74 -10.73
CA LYS D 291 2.37 -20.16 -11.69
C LYS D 291 3.07 -19.29 -12.74
N ASN D 292 2.50 -19.23 -13.94
CA ASN D 292 3.08 -18.43 -15.01
C ASN D 292 2.91 -16.94 -14.74
N VAL D 293 1.86 -16.60 -14.01
CA VAL D 293 1.54 -15.21 -13.65
C VAL D 293 1.07 -15.14 -12.22
N SER D 294 1.81 -14.42 -11.37
CA SER D 294 1.46 -14.30 -9.97
C SER D 294 1.01 -12.91 -9.56
N LEU D 295 -0.21 -12.81 -9.05
CA LEU D 295 -0.73 -11.53 -8.62
C LEU D 295 -0.21 -11.20 -7.22
N ASN D 296 0.63 -12.08 -6.70
CA ASN D 296 1.23 -11.90 -5.39
C ASN D 296 2.69 -11.50 -5.60
N ALA D 297 3.12 -10.42 -4.95
CA ALA D 297 4.48 -9.93 -5.05
C ALA D 297 5.43 -10.85 -4.27
N VAL D 298 6.61 -11.10 -4.83
CA VAL D 298 7.58 -11.97 -4.19
C VAL D 298 8.95 -11.35 -3.99
N VAL D 299 9.32 -11.04 -2.75
CA VAL D 299 10.63 -10.47 -2.46
C VAL D 299 11.67 -11.58 -2.45
N LEU D 300 12.44 -11.65 -3.52
CA LEU D 300 13.43 -12.69 -3.75
C LEU D 300 14.73 -12.63 -2.97
N THR D 301 14.96 -11.54 -2.24
CA THR D 301 16.22 -11.41 -1.53
C THR D 301 16.09 -10.89 -0.11
N GLU D 302 17.12 -11.11 0.69
CA GLU D 302 17.12 -10.64 2.06
C GLU D 302 18.47 -9.97 2.32
N VAL D 303 18.46 -8.82 2.99
CA VAL D 303 19.69 -8.10 3.28
C VAL D 303 20.25 -8.49 4.63
N ASP D 304 21.57 -8.42 4.75
CA ASP D 304 22.25 -8.76 5.99
C ASP D 304 21.64 -8.07 7.21
N LYS D 305 21.50 -8.82 8.30
CA LYS D 305 20.93 -8.31 9.55
C LYS D 305 21.39 -6.92 9.95
N LYS D 306 22.65 -6.61 9.70
CA LYS D 306 23.18 -5.31 10.09
C LYS D 306 22.56 -4.14 9.34
N HIS D 307 21.88 -4.43 8.24
CA HIS D 307 21.24 -3.39 7.45
C HIS D 307 19.71 -3.31 7.65
N ALA D 308 19.12 -4.30 8.31
CA ALA D 308 17.67 -4.34 8.52
C ALA D 308 17.12 -3.04 9.10
N ALA D 309 18.00 -2.20 9.62
CA ALA D 309 17.54 -0.93 10.18
C ALA D 309 17.84 0.25 9.27
N LEU D 310 18.46 -0.02 8.13
CA LEU D 310 18.80 1.02 7.18
C LEU D 310 17.55 1.39 6.38
N PRO D 311 17.21 2.69 6.33
CA PRO D 311 16.04 3.19 5.60
C PRO D 311 16.26 3.07 4.11
N SER D 312 15.19 2.80 3.38
CA SER D 312 15.28 2.64 1.94
C SER D 312 15.24 3.93 1.13
N THR D 313 15.89 3.87 -0.03
CA THR D 313 15.94 5.00 -0.95
C THR D 313 15.43 4.51 -2.30
N SER D 314 14.51 5.27 -2.86
CA SER D 314 13.89 4.98 -4.15
C SER D 314 14.85 5.20 -5.30
N LEU D 315 14.65 4.45 -6.38
CA LEU D 315 15.49 4.65 -7.55
C LEU D 315 15.41 6.12 -7.97
N GLN D 316 14.23 6.72 -7.86
CA GLN D 316 14.08 8.12 -8.24
C GLN D 316 15.19 8.95 -7.59
N ASP D 317 15.37 8.81 -6.28
CA ASP D 317 16.41 9.57 -5.57
C ASP D 317 17.83 9.12 -5.91
N LEU D 318 18.00 7.82 -6.13
CA LEU D 318 19.31 7.25 -6.42
C LEU D 318 19.92 7.60 -7.76
N PHE D 319 19.08 7.76 -8.76
CA PHE D 319 19.59 8.08 -10.08
C PHE D 319 19.34 9.49 -10.56
N HIS D 320 18.41 10.20 -9.95
CA HIS D 320 18.10 11.55 -10.38
C HIS D 320 18.39 12.63 -9.36
N HIS D 321 18.71 12.26 -8.12
CA HIS D 321 18.95 13.27 -7.08
C HIS D 321 20.20 13.01 -6.26
N ALA D 322 20.77 11.81 -6.37
CA ALA D 322 21.96 11.45 -5.61
C ALA D 322 23.18 12.38 -5.83
N ASP D 323 23.10 13.25 -6.83
CA ASP D 323 24.19 14.18 -7.11
C ASP D 323 23.80 15.64 -6.87
N SER D 324 22.61 15.85 -6.32
CA SER D 324 22.11 17.19 -6.05
C SER D 324 21.51 17.36 -4.66
N ASP D 325 21.26 16.26 -3.96
CA ASP D 325 20.70 16.32 -2.61
C ASP D 325 21.80 16.20 -1.56
N LYS D 326 21.82 17.14 -0.63
CA LYS D 326 22.81 17.15 0.43
C LYS D 326 22.85 15.81 1.16
N GLU D 327 21.71 15.37 1.67
CA GLU D 327 21.62 14.11 2.40
C GLU D 327 22.05 12.89 1.56
N LEU D 328 21.68 12.88 0.29
CA LEU D 328 22.05 11.75 -0.56
C LEU D 328 23.52 11.73 -0.93
N GLN D 329 24.15 12.91 -0.96
CA GLN D 329 25.55 13.02 -1.33
C GLN D 329 26.49 12.52 -0.23
N ALA D 330 26.01 12.62 1.01
CA ALA D 330 26.76 12.21 2.18
C ALA D 330 26.84 10.71 2.38
N GLN D 331 26.00 9.96 1.67
CA GLN D 331 25.99 8.51 1.81
C GLN D 331 26.60 7.79 0.62
N ASP D 332 27.27 6.68 0.90
CA ASP D 332 27.88 5.88 -0.14
C ASP D 332 27.17 4.52 -0.15
N THR D 333 26.55 4.18 0.98
CA THR D 333 25.81 2.92 1.09
C THR D 333 24.31 3.19 1.24
N PHE D 334 23.49 2.48 0.45
CA PHE D 334 22.02 2.64 0.49
C PHE D 334 21.27 1.31 0.39
N ARG D 335 19.98 1.36 0.71
CA ARG D 335 19.09 0.20 0.63
C ARG D 335 17.94 0.57 -0.30
N THR D 336 17.50 -0.37 -1.13
CA THR D 336 16.45 -0.04 -2.07
C THR D 336 15.72 -1.27 -2.58
N GLN D 337 14.47 -1.09 -3.02
CA GLN D 337 13.74 -2.22 -3.59
C GLN D 337 13.44 -1.92 -5.05
N PHE D 338 13.52 -2.93 -5.91
CA PHE D 338 13.22 -2.75 -7.32
C PHE D 338 12.93 -4.10 -7.93
N TYR D 339 12.44 -4.08 -9.17
CA TYR D 339 12.20 -5.31 -9.91
C TYR D 339 13.15 -5.25 -11.10
N VAL D 340 13.54 -6.41 -11.59
CA VAL D 340 14.46 -6.53 -12.70
C VAL D 340 13.70 -6.69 -14.02
N THR D 341 14.00 -5.82 -14.98
CA THR D 341 13.35 -5.89 -16.28
C THR D 341 14.23 -6.68 -17.22
N LYS D 342 15.54 -6.51 -17.15
CA LYS D 342 16.43 -7.27 -18.01
C LYS D 342 17.77 -7.49 -17.30
N ILE D 343 18.44 -8.58 -17.64
CA ILE D 343 19.73 -8.91 -17.07
C ILE D 343 20.77 -9.04 -18.18
N GLU D 344 21.89 -8.33 -18.03
CA GLU D 344 22.95 -8.41 -19.03
C GLU D 344 24.21 -8.97 -18.35
N PRO D 345 25.05 -9.71 -19.09
CA PRO D 345 24.86 -10.06 -20.49
C PRO D 345 23.70 -11.04 -20.65
N SER D 346 23.21 -11.18 -21.88
CA SER D 346 22.08 -12.06 -22.20
C SER D 346 22.32 -13.53 -21.91
N ASP D 347 23.50 -14.00 -22.30
CA ASP D 347 23.90 -15.38 -22.10
C ASP D 347 24.31 -15.54 -20.65
N VAL D 348 23.52 -16.31 -19.89
CA VAL D 348 23.81 -16.56 -18.48
C VAL D 348 25.21 -17.10 -18.30
N LYS D 349 25.70 -17.80 -19.32
CA LYS D 349 27.03 -18.40 -19.29
C LYS D 349 28.16 -17.39 -19.17
N GLU D 350 27.90 -16.14 -19.56
CA GLU D 350 28.89 -15.07 -19.50
C GLU D 350 28.73 -14.20 -18.28
N TRP D 351 27.90 -14.63 -17.35
CA TRP D 351 27.69 -13.88 -16.13
C TRP D 351 28.99 -13.92 -15.34
N VAL D 352 29.73 -15.01 -15.51
CA VAL D 352 31.00 -15.19 -14.82
C VAL D 352 32.15 -15.07 -15.81
N LYS D 353 33.02 -14.11 -15.53
CA LYS D 353 34.17 -13.84 -16.38
C LYS D 353 35.44 -14.16 -15.60
N GLY D 354 36.56 -14.18 -16.31
CA GLY D 354 37.83 -14.40 -15.64
C GLY D 354 38.38 -13.00 -15.42
N TYR D 355 38.94 -12.71 -14.25
CA TYR D 355 39.45 -11.37 -13.97
C TYR D 355 40.94 -11.33 -13.69
N ASP D 356 41.59 -10.33 -14.25
CA ASP D 356 43.00 -10.14 -14.06
C ASP D 356 43.14 -8.93 -13.15
N ARG D 357 43.47 -9.18 -11.87
CA ARG D 357 43.60 -8.11 -10.89
C ARG D 357 44.72 -7.10 -11.13
N LYS D 358 45.62 -7.43 -12.05
CA LYS D 358 46.72 -6.53 -12.35
C LYS D 358 46.36 -5.54 -13.45
N THR D 359 45.71 -6.02 -14.50
CA THR D 359 45.31 -5.15 -15.60
C THR D 359 43.90 -4.63 -15.45
N LYS D 360 43.22 -5.08 -14.40
CA LYS D 360 41.84 -4.68 -14.14
C LYS D 360 40.93 -4.99 -15.32
N LYS D 361 41.17 -6.12 -16.00
CA LYS D 361 40.36 -6.51 -17.14
C LYS D 361 39.72 -7.88 -16.99
N SER D 362 38.48 -7.99 -17.48
CA SER D 362 37.73 -9.22 -17.41
C SER D 362 37.61 -9.81 -18.81
N SER D 363 37.38 -11.11 -18.89
CA SER D 363 37.24 -11.78 -20.18
C SER D 363 36.38 -13.04 -20.10
N SER D 364 35.88 -13.49 -21.25
CA SER D 364 35.05 -14.68 -21.32
C SER D 364 35.82 -15.94 -20.93
N LEU D 365 35.13 -16.88 -20.31
CA LEU D 365 35.76 -18.13 -19.91
C LEU D 365 35.50 -19.19 -20.94
N LYS D 366 34.92 -18.81 -22.06
CA LYS D 366 34.63 -19.78 -23.10
C LYS D 366 35.94 -20.39 -23.62
N GLY D 367 37.04 -19.69 -23.32
CA GLY D 367 38.37 -20.18 -23.68
C GLY D 367 39.03 -20.87 -22.50
N ALA D 368 38.46 -20.66 -21.31
CA ALA D 368 38.89 -21.24 -20.02
C ALA D 368 39.77 -20.39 -19.08
N SER D 369 40.28 -21.06 -18.04
CA SER D 369 41.13 -20.49 -16.98
C SER D 369 42.10 -19.36 -17.34
N GLY D 370 42.54 -19.35 -18.60
CA GLY D 370 43.48 -18.34 -19.07
C GLY D 370 43.00 -16.91 -18.97
N LYS D 371 42.05 -16.64 -18.07
CA LYS D 371 41.55 -15.29 -17.93
C LYS D 371 41.69 -14.76 -16.50
N GLY D 372 42.08 -15.65 -15.58
CA GLY D 372 42.26 -15.22 -14.20
C GLY D 372 41.19 -15.69 -13.24
N ASP D 373 41.07 -15.00 -12.11
CA ASP D 373 40.09 -15.34 -11.09
C ASP D 373 38.69 -15.19 -11.64
N ASN D 374 37.81 -16.12 -11.28
CA ASN D 374 36.43 -16.08 -11.71
C ASN D 374 35.63 -15.09 -10.87
N ILE D 375 34.78 -14.31 -11.54
CA ILE D 375 33.94 -13.37 -10.84
C ILE D 375 32.66 -13.15 -11.60
N PHE D 376 31.67 -12.63 -10.89
CA PHE D 376 30.37 -12.30 -11.46
C PHE D 376 30.45 -10.88 -11.96
N GLN D 377 30.04 -10.67 -13.20
CA GLN D 377 29.99 -9.32 -13.74
C GLN D 377 28.60 -9.28 -14.34
N VAL D 378 27.60 -9.06 -13.50
CA VAL D 378 26.20 -9.01 -13.95
C VAL D 378 25.67 -7.58 -13.86
N GLN D 379 24.93 -7.16 -14.89
CA GLN D 379 24.34 -5.81 -14.94
C GLN D 379 22.81 -5.90 -14.97
N PHE D 380 22.16 -5.53 -13.87
CA PHE D 380 20.70 -5.57 -13.81
C PHE D 380 20.09 -4.25 -14.32
N LEU D 381 19.07 -4.33 -15.16
CA LEU D 381 18.36 -3.14 -15.61
C LEU D 381 17.08 -3.24 -14.77
N VAL D 382 16.86 -2.26 -13.91
CA VAL D 382 15.73 -2.30 -13.01
C VAL D 382 14.84 -1.06 -13.09
N LYS D 383 13.76 -1.11 -12.31
CA LYS D 383 12.78 -0.04 -12.25
C LYS D 383 12.11 -0.19 -10.89
N ASP D 384 11.25 0.74 -10.51
CA ASP D 384 10.62 0.65 -9.22
C ASP D 384 9.36 1.51 -9.22
N ALA D 385 8.70 1.64 -8.07
CA ALA D 385 7.48 2.42 -7.99
C ALA D 385 7.63 3.89 -8.38
N SER D 386 8.70 4.51 -7.88
CA SER D 386 9.00 5.93 -8.09
C SER D 386 9.34 6.26 -9.52
N THR D 387 9.68 5.25 -10.29
CA THR D 387 10.09 5.45 -11.66
C THR D 387 9.23 4.62 -12.60
N GLN D 388 8.07 4.20 -12.10
CA GLN D 388 7.15 3.36 -12.89
C GLN D 388 6.76 3.91 -14.25
N LEU D 389 6.27 5.15 -14.28
CA LEU D 389 5.81 5.77 -15.51
C LEU D 389 6.85 6.32 -16.47
N ASN D 390 8.08 6.60 -16.02
CA ASN D 390 9.05 7.18 -16.94
C ASN D 390 9.52 6.18 -17.97
N ASN D 391 10.27 6.67 -18.95
CA ASN D 391 10.78 5.82 -20.03
C ASN D 391 12.21 5.32 -19.73
N ASN D 392 12.53 5.17 -18.45
CA ASN D 392 13.85 4.66 -18.07
C ASN D 392 13.86 3.31 -17.37
N THR D 393 15.04 2.71 -17.38
CA THR D 393 15.34 1.47 -16.71
C THR D 393 16.74 1.76 -16.19
N TYR D 394 17.00 1.43 -14.93
CA TYR D 394 18.30 1.76 -14.37
C TYR D 394 19.26 0.62 -14.15
N ARG D 395 20.55 0.93 -14.25
CA ARG D 395 21.56 -0.08 -14.08
C ARG D 395 22.01 -0.28 -12.63
N VAL D 396 22.09 -1.54 -12.24
CA VAL D 396 22.54 -1.90 -10.90
C VAL D 396 23.48 -3.05 -11.15
N LEU D 397 24.69 -2.89 -10.62
CA LEU D 397 25.74 -3.87 -10.81
C LEU D 397 26.01 -4.85 -9.68
N LEU D 398 26.39 -6.05 -10.12
CA LEU D 398 26.77 -7.15 -9.27
C LEU D 398 28.12 -7.56 -9.88
N TYR D 399 29.15 -6.81 -9.49
CA TYR D 399 30.55 -7.00 -9.92
C TYR D 399 31.20 -7.43 -8.60
N THR D 400 31.58 -8.69 -8.52
CA THR D 400 32.09 -9.26 -7.29
C THR D 400 33.62 -9.37 -7.17
N GLN D 401 34.37 -8.89 -8.17
CA GLN D 401 35.82 -8.97 -8.11
C GLN D 401 36.46 -8.53 -6.78
N ASP D 402 35.80 -7.66 -6.02
CA ASP D 402 36.37 -7.18 -4.76
C ASP D 402 35.59 -7.67 -3.54
N GLY D 403 34.76 -8.69 -3.74
CA GLY D 403 33.99 -9.23 -2.64
C GLY D 403 32.55 -8.76 -2.52
N LEU D 404 32.18 -7.67 -3.18
CA LEU D 404 30.80 -7.20 -3.03
C LEU D 404 29.79 -8.07 -3.77
N GLY D 405 28.79 -8.54 -3.03
CA GLY D 405 27.75 -9.38 -3.60
C GLY D 405 28.24 -10.73 -4.10
N ALA D 406 29.35 -11.21 -3.59
CA ALA D 406 29.87 -12.49 -4.06
C ALA D 406 28.89 -13.63 -3.88
N ASN D 407 28.16 -13.63 -2.76
CA ASN D 407 27.23 -14.71 -2.47
C ASN D 407 25.76 -14.38 -2.75
N PHE D 408 25.52 -13.48 -3.72
CA PHE D 408 24.16 -13.08 -4.07
C PHE D 408 23.29 -14.22 -4.62
N PHE D 409 23.87 -15.02 -5.50
CA PHE D 409 23.17 -16.14 -6.10
C PHE D 409 23.29 -17.43 -5.27
N ASN D 410 23.97 -17.37 -4.13
CA ASN D 410 24.17 -18.56 -3.30
C ASN D 410 24.91 -19.59 -4.12
N VAL D 411 25.63 -19.12 -5.13
CA VAL D 411 26.39 -20.00 -6.01
C VAL D 411 27.73 -19.34 -6.17
N LYS D 412 28.80 -19.94 -5.67
CA LYS D 412 30.11 -19.34 -5.81
C LYS D 412 30.42 -19.26 -7.29
N ALA D 413 31.03 -18.16 -7.71
CA ALA D 413 31.39 -18.00 -9.12
C ALA D 413 32.13 -19.21 -9.64
N ASP D 414 31.95 -19.51 -10.92
CA ASP D 414 32.61 -20.64 -11.54
C ASP D 414 32.39 -20.52 -13.05
N ASN D 415 33.24 -21.20 -13.80
CA ASN D 415 33.14 -21.23 -15.24
C ASN D 415 31.81 -21.87 -15.61
N LEU D 416 30.83 -21.04 -15.90
CA LEU D 416 29.51 -21.55 -16.24
C LEU D 416 29.49 -22.34 -17.56
N HIS D 417 30.58 -22.30 -18.32
CA HIS D 417 30.63 -23.05 -19.58
C HIS D 417 30.95 -24.50 -19.32
N LYS D 418 31.44 -24.81 -18.11
CA LYS D 418 31.82 -26.19 -17.75
C LYS D 418 31.02 -26.75 -16.57
N ASN D 419 30.66 -25.90 -15.61
CA ASN D 419 29.92 -26.36 -14.45
C ASN D 419 28.42 -26.27 -14.69
N ALA D 420 27.86 -27.37 -15.17
CA ALA D 420 26.45 -27.50 -15.44
C ALA D 420 25.60 -27.16 -14.21
N ASP D 421 25.96 -27.71 -13.07
CA ASP D 421 25.20 -27.43 -11.86
C ASP D 421 25.12 -25.93 -11.62
N ALA D 422 26.23 -25.22 -11.69
CA ALA D 422 26.21 -23.77 -11.47
C ALA D 422 25.33 -23.06 -12.49
N ARG D 423 25.52 -23.39 -13.76
CA ARG D 423 24.75 -22.78 -14.83
C ARG D 423 23.25 -22.97 -14.65
N LYS D 424 22.83 -24.18 -14.33
CA LYS D 424 21.42 -24.42 -14.15
C LYS D 424 20.81 -23.57 -13.03
N LYS D 425 21.48 -23.47 -11.88
CA LYS D 425 20.96 -22.68 -10.77
C LYS D 425 20.84 -21.22 -11.14
N LEU D 426 21.82 -20.71 -11.87
CA LEU D 426 21.80 -19.31 -12.28
C LEU D 426 20.71 -19.08 -13.32
N GLU D 427 20.55 -20.01 -14.27
CA GLU D 427 19.51 -19.83 -15.27
C GLU D 427 18.15 -19.75 -14.59
N ASP D 428 17.89 -20.61 -13.59
CA ASP D 428 16.61 -20.56 -12.92
C ASP D 428 16.43 -19.27 -12.18
N SER D 429 17.50 -18.75 -11.56
CA SER D 429 17.39 -17.50 -10.83
C SER D 429 17.00 -16.40 -11.80
N ALA D 430 17.59 -16.47 -13.00
CA ALA D 430 17.33 -15.51 -14.06
C ALA D 430 15.83 -15.45 -14.35
N GLU D 431 15.19 -16.58 -14.62
CA GLU D 431 13.76 -16.56 -14.90
C GLU D 431 12.97 -15.95 -13.74
N LEU D 432 13.35 -16.27 -12.51
CA LEU D 432 12.67 -15.73 -11.33
C LEU D 432 12.82 -14.21 -11.21
N LEU D 433 14.04 -13.72 -11.44
CA LEU D 433 14.30 -12.29 -11.30
C LEU D 433 13.48 -11.44 -12.28
N THR D 434 13.41 -11.91 -13.52
CA THR D 434 12.69 -11.20 -14.57
C THR D 434 11.19 -11.47 -14.62
N LYS D 435 10.71 -12.36 -13.76
CA LYS D 435 9.30 -12.70 -13.75
C LYS D 435 8.51 -11.55 -13.16
N PHE D 436 7.27 -11.36 -13.62
CA PHE D 436 6.41 -10.30 -13.11
C PHE D 436 6.11 -10.50 -11.63
N ASN D 437 6.10 -9.40 -10.89
CA ASN D 437 5.85 -9.38 -9.47
C ASN D 437 7.01 -9.92 -8.61
N SER D 438 8.18 -10.11 -9.23
CA SER D 438 9.36 -10.51 -8.46
C SER D 438 10.07 -9.20 -8.14
N TYR D 439 10.52 -9.01 -6.91
CA TYR D 439 11.24 -7.80 -6.56
C TYR D 439 12.52 -8.15 -5.82
N VAL D 440 13.42 -7.18 -5.69
CA VAL D 440 14.67 -7.37 -4.99
C VAL D 440 14.81 -6.32 -3.91
N ASP D 441 15.14 -6.74 -2.69
CA ASP D 441 15.37 -5.82 -1.58
C ASP D 441 16.88 -5.91 -1.48
N ALA D 442 17.59 -4.80 -1.69
CA ALA D 442 19.05 -4.90 -1.65
C ALA D 442 19.82 -3.74 -1.08
N VAL D 443 21.05 -4.01 -0.70
CA VAL D 443 21.86 -2.92 -0.21
C VAL D 443 22.90 -2.69 -1.29
N VAL D 444 23.07 -1.43 -1.65
CA VAL D 444 24.05 -1.05 -2.69
C VAL D 444 25.04 -0.04 -2.17
N GLU D 445 26.24 -0.06 -2.75
CA GLU D 445 27.29 0.87 -2.40
C GLU D 445 27.65 1.57 -3.70
N ARG D 446 27.63 2.90 -3.64
CA ARG D 446 27.94 3.74 -4.78
C ARG D 446 29.45 3.81 -5.02
N ARG D 447 29.87 3.47 -6.23
CA ARG D 447 31.28 3.52 -6.52
C ARG D 447 31.47 4.02 -7.95
N ASN D 448 32.10 5.19 -8.07
CA ASN D 448 32.36 5.86 -9.35
C ASN D 448 31.09 5.96 -10.20
N GLY D 449 30.05 6.55 -9.60
CA GLY D 449 28.79 6.74 -10.30
C GLY D 449 27.91 5.54 -10.50
N PHE D 450 28.34 4.36 -10.06
CA PHE D 450 27.51 3.18 -10.20
C PHE D 450 27.17 2.62 -8.83
N TYR D 451 26.16 1.75 -8.79
CA TYR D 451 25.72 1.13 -7.54
C TYR D 451 25.96 -0.37 -7.64
N LEU D 452 26.77 -0.91 -6.74
CA LEU D 452 27.05 -2.35 -6.75
C LEU D 452 26.28 -2.99 -5.62
N ILE D 453 25.74 -4.18 -5.85
CA ILE D 453 24.98 -4.88 -4.81
C ILE D 453 25.92 -5.54 -3.79
N LYS D 454 25.59 -5.40 -2.52
CA LYS D 454 26.41 -6.04 -1.49
C LYS D 454 25.57 -6.46 -0.27
N ASP D 455 26.03 -7.49 0.45
CA ASP D 455 25.34 -7.99 1.63
C ASP D 455 23.88 -8.28 1.32
N THR D 456 23.65 -8.93 0.19
CA THR D 456 22.30 -9.26 -0.25
C THR D 456 22.26 -10.66 -0.81
N LYS D 457 21.33 -11.48 -0.37
CA LYS D 457 21.28 -12.84 -0.87
C LYS D 457 19.88 -13.27 -1.22
N LEU D 458 19.78 -14.02 -2.30
CA LEU D 458 18.52 -14.58 -2.76
C LEU D 458 18.10 -15.59 -1.70
N ILE D 459 16.82 -15.59 -1.35
CA ILE D 459 16.32 -16.54 -0.39
C ILE D 459 15.41 -17.59 -1.07
N TYR D 460 15.50 -17.68 -2.40
CA TYR D 460 14.74 -18.68 -3.18
C TYR D 460 15.68 -19.19 -4.27
N GLN E 1 -13.88 -18.57 -9.08
CA GLN E 1 -14.98 -17.90 -9.85
C GLN E 1 -15.17 -16.45 -9.39
N GLN E 2 -14.89 -15.53 -10.30
CA GLN E 2 -15.03 -14.11 -10.03
C GLN E 2 -16.49 -13.72 -9.90
N GLN E 3 -16.87 -13.18 -8.73
CA GLN E 3 -18.24 -12.77 -8.49
C GLN E 3 -18.55 -11.38 -9.05
N SER E 4 -17.51 -10.57 -9.27
CA SER E 4 -17.69 -9.22 -9.79
C SER E 4 -17.70 -9.27 -11.30
N ALA E 5 -18.80 -8.89 -11.92
CA ALA E 5 -18.86 -8.93 -13.38
C ALA E 5 -17.87 -7.93 -13.96
N PHE E 6 -17.84 -6.72 -13.41
CA PHE E 6 -16.95 -5.68 -13.87
C PHE E 6 -15.49 -6.09 -13.74
N LYS E 7 -15.12 -6.60 -12.56
CA LYS E 7 -13.74 -7.01 -12.35
C LYS E 7 -13.31 -8.02 -13.40
N GLN E 8 -14.19 -8.98 -13.67
CA GLN E 8 -13.90 -10.01 -14.65
C GLN E 8 -13.76 -9.43 -16.04
N LEU E 9 -14.74 -8.65 -16.47
CA LEU E 9 -14.70 -8.08 -17.80
C LEU E 9 -13.46 -7.25 -18.08
N TYR E 10 -13.16 -6.33 -17.17
CA TYR E 10 -12.01 -5.45 -17.34
C TYR E 10 -10.70 -6.19 -17.21
N THR E 11 -10.70 -7.28 -16.44
CA THR E 11 -9.49 -8.03 -16.25
C THR E 11 -9.16 -8.76 -17.53
N GLU E 12 -10.17 -9.32 -18.19
CA GLU E 12 -9.92 -10.04 -19.43
C GLU E 12 -9.51 -9.08 -20.52
N LEU E 13 -10.06 -7.87 -20.47
CA LEU E 13 -9.72 -6.86 -21.45
C LEU E 13 -8.22 -6.59 -21.38
N PHE E 14 -7.70 -6.37 -20.18
CA PHE E 14 -6.27 -6.13 -20.05
C PHE E 14 -5.45 -7.37 -20.34
N ASN E 15 -5.87 -8.53 -19.85
CA ASN E 15 -5.11 -9.76 -20.13
C ASN E 15 -5.20 -10.16 -21.59
N ASN E 16 -5.94 -9.39 -22.38
CA ASN E 16 -6.06 -9.68 -23.81
C ASN E 16 -5.67 -8.46 -24.63
N GLU E 17 -4.54 -7.86 -24.25
CA GLU E 17 -3.98 -6.69 -24.93
C GLU E 17 -5.04 -5.70 -25.40
N GLY E 18 -6.01 -5.42 -24.53
CA GLY E 18 -7.05 -4.46 -24.86
C GLY E 18 -7.93 -4.80 -26.05
N ASP E 19 -7.89 -6.04 -26.52
CA ASP E 19 -8.69 -6.48 -27.66
C ASP E 19 -10.06 -6.99 -27.17
N PHE E 20 -11.11 -6.20 -27.39
CA PHE E 20 -12.45 -6.57 -26.94
C PHE E 20 -13.05 -7.78 -27.65
N SER E 21 -12.53 -8.11 -28.83
CA SER E 21 -13.05 -9.25 -29.57
C SER E 21 -12.49 -10.55 -29.01
N LYS E 22 -11.41 -10.47 -28.25
CA LYS E 22 -10.82 -11.68 -27.68
C LYS E 22 -11.41 -12.03 -26.31
N VAL E 23 -12.16 -11.10 -25.72
CA VAL E 23 -12.76 -11.37 -24.41
C VAL E 23 -13.92 -12.34 -24.57
N SER E 24 -14.04 -13.24 -23.59
CA SER E 24 -15.09 -14.25 -23.59
C SER E 24 -16.43 -13.71 -24.11
N SER E 25 -17.05 -14.47 -25.01
CA SER E 25 -18.33 -14.06 -25.58
C SER E 25 -19.44 -14.21 -24.54
N ASN E 26 -19.33 -15.23 -23.70
CA ASN E 26 -20.34 -15.45 -22.67
C ASN E 26 -20.39 -14.34 -21.62
N LEU E 27 -19.65 -13.25 -21.85
CA LEU E 27 -19.63 -12.12 -20.92
C LEU E 27 -20.19 -10.85 -21.54
N LYS E 28 -20.47 -10.90 -22.83
CA LYS E 28 -20.99 -9.75 -23.53
C LYS E 28 -22.51 -9.69 -23.50
N LYS E 29 -23.09 -10.08 -22.37
CA LYS E 29 -24.54 -10.07 -22.19
C LYS E 29 -24.98 -8.78 -21.49
N PRO E 30 -26.27 -8.41 -21.59
CA PRO E 30 -26.78 -7.19 -20.96
C PRO E 30 -26.31 -7.04 -19.52
N LEU E 31 -26.02 -5.79 -19.13
CA LEU E 31 -25.54 -5.49 -17.78
C LEU E 31 -26.51 -4.71 -16.91
N LYS E 32 -27.06 -5.37 -15.89
CA LYS E 32 -27.99 -4.71 -14.97
C LYS E 32 -27.13 -4.20 -13.81
N CYS E 33 -27.05 -2.88 -13.67
CA CYS E 33 -26.24 -2.30 -12.62
C CYS E 33 -26.92 -1.17 -11.85
N TYR E 34 -26.60 -1.09 -10.56
CA TYR E 34 -27.16 -0.08 -9.68
C TYR E 34 -26.45 1.26 -9.84
N VAL E 35 -27.21 2.34 -9.93
CA VAL E 35 -26.60 3.65 -10.08
C VAL E 35 -26.22 4.27 -8.73
N LYS E 36 -24.92 4.31 -8.45
CA LYS E 36 -24.45 4.87 -7.18
C LYS E 36 -24.50 6.39 -7.17
N GLU E 37 -24.10 6.99 -8.28
CA GLU E 37 -24.08 8.45 -8.42
C GLU E 37 -24.38 8.80 -9.88
N SER E 38 -24.84 10.03 -10.09
CA SER E 38 -25.16 10.50 -11.44
C SER E 38 -24.54 11.86 -11.73
N TYR E 39 -24.18 12.60 -10.67
CA TYR E 39 -23.58 13.91 -10.87
C TYR E 39 -22.86 14.38 -9.62
N PRO E 40 -21.66 14.97 -9.76
CA PRO E 40 -20.90 15.25 -10.99
C PRO E 40 -20.29 14.05 -11.70
N HIS E 41 -20.28 12.90 -11.06
CA HIS E 41 -19.74 11.70 -11.69
C HIS E 41 -20.83 10.65 -11.74
N PHE E 42 -20.98 10.00 -12.89
CA PHE E 42 -22.01 8.98 -13.05
C PHE E 42 -21.35 7.64 -12.83
N LEU E 43 -21.64 7.06 -11.67
CA LEU E 43 -21.05 5.79 -11.30
C LEU E 43 -22.08 4.71 -11.06
N VAL E 44 -21.84 3.55 -11.66
CA VAL E 44 -22.72 2.40 -11.52
C VAL E 44 -21.94 1.25 -10.91
N THR E 45 -22.64 0.39 -10.18
CA THR E 45 -21.98 -0.72 -9.53
C THR E 45 -22.54 -2.04 -10.03
N ASP E 46 -21.83 -3.12 -9.75
CA ASP E 46 -22.24 -4.44 -10.16
C ASP E 46 -22.40 -5.24 -8.87
N GLY E 47 -22.52 -4.52 -7.77
CA GLY E 47 -22.67 -5.18 -6.49
C GLY E 47 -21.39 -5.29 -5.70
N TYR E 48 -20.25 -5.06 -6.35
CA TYR E 48 -18.94 -5.13 -5.69
C TYR E 48 -18.07 -3.88 -5.94
N PHE E 49 -18.05 -3.42 -7.18
CA PHE E 49 -17.25 -2.25 -7.55
C PHE E 49 -18.10 -1.27 -8.34
N PHE E 50 -17.56 -0.06 -8.50
CA PHE E 50 -18.26 0.92 -9.31
C PHE E 50 -17.35 1.30 -10.48
N VAL E 51 -17.97 1.65 -11.60
CA VAL E 51 -17.22 2.04 -12.79
C VAL E 51 -17.95 3.20 -13.43
N ALA E 52 -17.24 3.98 -14.23
CA ALA E 52 -17.85 5.11 -14.91
C ALA E 52 -18.17 4.73 -16.35
N PRO E 53 -19.46 4.76 -16.73
CA PRO E 53 -19.88 4.42 -18.08
C PRO E 53 -19.78 5.64 -18.98
N TYR E 54 -19.35 5.41 -20.21
CA TYR E 54 -19.24 6.51 -21.15
C TYR E 54 -20.33 6.36 -22.22
N PHE E 55 -21.29 7.27 -22.17
CA PHE E 55 -22.41 7.29 -23.10
C PHE E 55 -22.12 8.02 -24.39
N THR E 56 -22.47 7.40 -25.51
CA THR E 56 -22.28 7.99 -26.82
C THR E 56 -23.40 9.01 -27.05
N LYS E 57 -23.21 9.93 -27.98
CA LYS E 57 -24.26 10.93 -28.26
C LYS E 57 -25.52 10.21 -28.75
N GLU E 58 -25.33 9.07 -29.41
CA GLU E 58 -26.45 8.30 -29.91
C GLU E 58 -27.24 7.70 -28.75
N ALA E 59 -26.55 7.05 -27.83
CA ALA E 59 -27.18 6.41 -26.67
C ALA E 59 -28.07 7.34 -25.84
N VAL E 60 -27.66 8.60 -25.66
CA VAL E 60 -28.45 9.54 -24.87
C VAL E 60 -29.70 10.03 -25.61
N ASN E 61 -29.55 10.25 -26.92
CA ASN E 61 -30.66 10.73 -27.73
C ASN E 61 -31.72 9.63 -27.79
N GLU E 62 -31.28 8.39 -27.89
CA GLU E 62 -32.19 7.25 -27.95
C GLU E 62 -32.93 7.14 -26.61
N PHE E 63 -32.19 7.40 -25.53
CA PHE E 63 -32.74 7.34 -24.17
C PHE E 63 -33.84 8.39 -24.00
N HIS E 64 -33.50 9.63 -24.32
CA HIS E 64 -34.42 10.76 -24.22
C HIS E 64 -35.64 10.58 -25.11
N ALA E 65 -35.54 9.68 -26.08
CA ALA E 65 -36.62 9.42 -27.01
C ALA E 65 -37.60 8.44 -26.39
N LYS E 66 -37.07 7.31 -25.92
CA LYS E 66 -37.90 6.29 -25.31
C LYS E 66 -38.32 6.61 -23.88
N PHE E 67 -37.61 7.53 -23.23
CA PHE E 67 -37.96 7.88 -21.86
C PHE E 67 -37.90 9.40 -21.67
N PRO E 68 -38.93 10.12 -22.18
CA PRO E 68 -39.00 11.57 -22.05
C PRO E 68 -39.16 12.03 -20.61
N ASN E 69 -39.82 11.22 -19.80
CA ASN E 69 -40.06 11.57 -18.41
C ASN E 69 -38.91 11.11 -17.51
N VAL E 70 -37.72 10.97 -18.06
CA VAL E 70 -36.58 10.52 -17.26
C VAL E 70 -35.28 11.23 -17.59
N ASN E 71 -34.74 11.93 -16.59
CA ASN E 71 -33.47 12.65 -16.72
C ASN E 71 -32.33 11.75 -16.23
N ILE E 72 -31.32 11.55 -17.07
CA ILE E 72 -30.19 10.70 -16.71
C ILE E 72 -29.44 11.17 -15.48
N VAL E 73 -29.18 12.48 -15.40
CA VAL E 73 -28.46 13.09 -14.28
C VAL E 73 -29.23 12.99 -12.96
N ASP E 74 -30.35 12.29 -12.97
CA ASP E 74 -31.17 12.13 -11.77
C ASP E 74 -31.47 10.65 -11.49
N LEU E 75 -30.67 9.76 -12.09
CA LEU E 75 -30.86 8.33 -11.93
C LEU E 75 -30.20 7.74 -10.69
N THR E 76 -29.67 8.61 -9.83
CA THR E 76 -29.01 8.16 -8.60
C THR E 76 -29.93 7.27 -7.79
N ASP E 77 -29.36 6.18 -7.28
CA ASP E 77 -30.09 5.21 -6.47
C ASP E 77 -31.11 4.43 -7.29
N LYS E 78 -31.06 4.60 -8.61
CA LYS E 78 -31.95 3.90 -9.52
C LYS E 78 -31.12 2.84 -10.25
N VAL E 79 -31.80 1.93 -10.92
CA VAL E 79 -31.14 0.85 -11.67
C VAL E 79 -31.27 1.04 -13.19
N ILE E 80 -30.27 0.62 -13.94
CA ILE E 80 -30.33 0.73 -15.38
C ILE E 80 -29.89 -0.57 -16.00
N VAL E 81 -30.23 -0.76 -17.26
CA VAL E 81 -29.86 -1.97 -17.96
C VAL E 81 -29.19 -1.57 -19.28
N ILE E 82 -27.92 -1.88 -19.39
CA ILE E 82 -27.16 -1.57 -20.60
C ILE E 82 -27.24 -2.80 -21.50
N ASN E 83 -28.02 -2.69 -22.57
CA ASN E 83 -28.20 -3.79 -23.51
C ASN E 83 -27.09 -3.87 -24.55
N ASN E 84 -26.65 -2.71 -25.04
CA ASN E 84 -25.58 -2.69 -26.02
C ASN E 84 -24.41 -1.86 -25.47
N TRP E 85 -23.28 -2.53 -25.26
CA TRP E 85 -22.06 -1.89 -24.74
C TRP E 85 -20.80 -2.53 -25.29
N SER E 86 -19.70 -1.79 -25.16
CA SER E 86 -18.38 -2.24 -25.61
C SER E 86 -17.31 -1.71 -24.65
N LEU E 87 -16.14 -2.33 -24.68
CA LEU E 87 -15.02 -1.95 -23.82
C LEU E 87 -13.81 -1.59 -24.67
N GLU E 88 -13.00 -0.66 -24.20
CA GLU E 88 -11.79 -0.27 -24.92
C GLU E 88 -10.81 0.39 -23.95
N LEU E 89 -9.52 0.23 -24.23
CA LEU E 89 -8.46 0.81 -23.41
C LEU E 89 -8.18 2.22 -23.90
N ARG E 90 -7.77 3.10 -22.99
CA ARG E 90 -7.48 4.48 -23.35
C ARG E 90 -6.35 5.01 -22.50
N ARG E 91 -5.47 5.81 -23.09
CA ARG E 91 -4.39 6.39 -22.31
C ARG E 91 -4.92 7.65 -21.67
N VAL E 92 -4.77 7.77 -20.36
CA VAL E 92 -5.24 8.96 -19.66
C VAL E 92 -4.26 9.44 -18.60
N ASN E 93 -4.61 10.53 -17.93
CA ASN E 93 -3.76 11.07 -16.88
C ASN E 93 -4.38 10.64 -15.56
N SER E 94 -3.91 9.51 -15.04
CA SER E 94 -4.44 9.03 -13.77
C SER E 94 -4.40 10.08 -12.66
N ALA E 95 -3.61 11.13 -12.82
CA ALA E 95 -3.55 12.16 -11.78
C ALA E 95 -4.84 12.95 -11.76
N GLU E 96 -5.58 12.90 -12.88
CA GLU E 96 -6.83 13.63 -13.00
C GLU E 96 -8.07 12.75 -13.10
N VAL E 97 -7.89 11.56 -13.67
CA VAL E 97 -8.99 10.61 -13.82
C VAL E 97 -8.90 9.52 -12.75
N PHE E 98 -9.78 9.58 -11.75
CA PHE E 98 -9.74 8.61 -10.67
C PHE E 98 -10.25 7.23 -11.03
N THR E 99 -10.82 7.11 -12.22
CA THR E 99 -11.31 5.81 -12.66
C THR E 99 -10.27 5.24 -13.63
N SER E 100 -9.00 5.47 -13.29
CA SER E 100 -7.88 4.97 -14.09
C SER E 100 -6.70 4.62 -13.20
N TYR E 101 -5.69 4.01 -13.76
CA TYR E 101 -4.51 3.64 -12.97
C TYR E 101 -3.33 3.49 -13.89
N ALA E 102 -2.20 4.06 -13.48
CA ALA E 102 -0.98 3.97 -14.27
C ALA E 102 -1.22 4.50 -15.68
N ASN E 103 -1.95 5.62 -15.74
CA ASN E 103 -2.25 6.28 -17.01
C ASN E 103 -2.96 5.40 -18.03
N LEU E 104 -3.70 4.41 -17.52
CA LEU E 104 -4.45 3.52 -18.38
C LEU E 104 -5.86 3.48 -17.84
N GLU E 105 -6.82 3.30 -18.72
CA GLU E 105 -8.22 3.22 -18.33
C GLU E 105 -8.97 2.30 -19.24
N ALA E 106 -9.79 1.45 -18.66
CA ALA E 106 -10.62 0.55 -19.45
C ALA E 106 -11.97 1.24 -19.35
N ARG E 107 -12.53 1.62 -20.50
CA ARG E 107 -13.82 2.33 -20.54
C ARG E 107 -15.00 1.46 -20.93
N LEU E 108 -16.12 1.71 -20.27
CA LEU E 108 -17.37 1.02 -20.56
C LEU E 108 -18.12 1.92 -21.53
N ILE E 109 -18.09 1.58 -22.80
CA ILE E 109 -18.79 2.37 -23.79
C ILE E 109 -20.24 1.93 -23.86
N VAL E 110 -21.15 2.85 -23.53
CA VAL E 110 -22.60 2.55 -23.54
C VAL E 110 -23.30 3.06 -24.79
N HIS E 111 -23.90 2.13 -25.53
CA HIS E 111 -24.63 2.42 -26.76
C HIS E 111 -26.14 2.46 -26.54
N SER E 112 -26.64 1.65 -25.60
CA SER E 112 -28.08 1.61 -25.31
C SER E 112 -28.38 1.11 -23.91
N PHE E 113 -29.08 1.92 -23.11
CA PHE E 113 -29.44 1.52 -21.74
C PHE E 113 -30.85 1.92 -21.35
N LYS E 114 -31.55 0.97 -20.73
CA LYS E 114 -32.93 1.18 -20.28
C LYS E 114 -32.98 1.41 -18.76
N PRO E 115 -33.74 2.43 -18.32
CA PRO E 115 -33.85 2.72 -16.89
C PRO E 115 -35.02 2.00 -16.22
N ASN E 116 -34.73 0.90 -15.51
CA ASN E 116 -35.79 0.17 -14.80
C ASN E 116 -36.22 0.98 -13.58
N LEU E 117 -36.93 2.07 -13.84
CA LEU E 117 -37.41 2.98 -12.80
C LEU E 117 -38.09 2.28 -11.64
N GLN E 118 -37.63 2.58 -10.43
CA GLN E 118 -38.19 2.00 -9.21
C GLN E 118 -38.03 0.48 -9.02
N GLU E 119 -36.86 -0.05 -9.35
CA GLU E 119 -36.61 -1.48 -9.14
C GLU E 119 -35.66 -1.57 -7.94
N ARG E 120 -36.14 -2.13 -6.84
CA ARG E 120 -35.28 -2.23 -5.67
C ARG E 120 -34.31 -3.38 -5.82
N LEU E 121 -33.02 -3.09 -5.66
CA LEU E 121 -31.98 -4.11 -5.80
C LEU E 121 -31.61 -4.75 -4.46
N ASN E 122 -31.02 -5.95 -4.52
CA ASN E 122 -30.61 -6.68 -3.32
C ASN E 122 -29.46 -5.96 -2.61
N PRO E 123 -29.39 -6.10 -1.27
CA PRO E 123 -28.35 -5.49 -0.44
C PRO E 123 -26.95 -6.02 -0.76
N THR E 124 -25.99 -5.11 -0.90
CA THR E 124 -24.61 -5.49 -1.22
C THR E 124 -23.58 -4.75 -0.37
N ARG E 125 -22.32 -5.13 -0.52
CA ARG E 125 -21.24 -4.50 0.21
C ARG E 125 -21.06 -3.09 -0.35
N TYR E 126 -20.39 -2.21 0.38
CA TYR E 126 -20.18 -0.86 -0.10
C TYR E 126 -19.35 -0.97 -1.39
N PRO E 127 -19.77 -0.29 -2.46
CA PRO E 127 -19.02 -0.36 -3.72
C PRO E 127 -17.68 0.35 -3.68
N VAL E 128 -16.64 -0.30 -4.22
CA VAL E 128 -15.33 0.32 -4.28
C VAL E 128 -14.84 0.50 -5.71
N ASN E 129 -14.07 1.58 -5.90
CA ASN E 129 -13.49 1.93 -7.19
C ASN E 129 -12.65 0.77 -7.68
N LEU E 130 -13.01 0.25 -8.83
CA LEU E 130 -12.29 -0.87 -9.38
C LEU E 130 -10.82 -0.51 -9.62
N PHE E 131 -10.56 0.74 -9.98
CA PHE E 131 -9.17 1.07 -10.22
C PHE E 131 -8.36 1.34 -8.95
N ARG E 132 -8.91 0.90 -7.82
CA ARG E 132 -8.23 1.05 -6.54
C ARG E 132 -8.07 -0.33 -5.88
N ASP E 133 -8.55 -1.36 -6.58
CA ASP E 133 -8.49 -2.73 -6.08
C ASP E 133 -7.13 -3.36 -6.28
N ASP E 134 -6.58 -3.90 -5.19
CA ASP E 134 -5.27 -4.55 -5.16
C ASP E 134 -5.07 -5.50 -6.35
N GLU E 135 -5.93 -6.50 -6.53
CA GLU E 135 -5.73 -7.41 -7.67
C GLU E 135 -5.80 -6.73 -9.02
N PHE E 136 -6.77 -5.82 -9.21
CA PHE E 136 -6.91 -5.16 -10.50
C PHE E 136 -5.70 -4.29 -10.82
N LYS E 137 -5.25 -3.50 -9.84
CA LYS E 137 -4.06 -2.69 -10.06
C LYS E 137 -2.93 -3.63 -10.48
N THR E 138 -2.78 -4.75 -9.75
CA THR E 138 -1.71 -5.70 -10.05
C THR E 138 -1.86 -6.25 -11.45
N THR E 139 -3.11 -6.37 -11.93
CA THR E 139 -3.34 -6.88 -13.29
C THR E 139 -2.87 -5.82 -14.30
N ILE E 140 -3.06 -4.55 -13.97
CA ILE E 140 -2.64 -3.48 -14.87
C ILE E 140 -1.12 -3.50 -14.86
N GLN E 141 -0.51 -3.47 -13.68
CA GLN E 141 0.95 -3.56 -13.59
C GLN E 141 1.52 -4.74 -14.39
N HIS E 142 0.77 -5.84 -14.47
CA HIS E 142 1.26 -7.00 -15.23
C HIS E 142 1.29 -6.60 -16.69
N PHE E 143 0.25 -5.88 -17.08
CA PHE E 143 0.10 -5.40 -18.45
C PHE E 143 1.31 -4.54 -18.88
N ARG E 144 1.64 -3.54 -18.06
CA ARG E 144 2.77 -2.66 -18.34
C ARG E 144 4.12 -3.39 -18.25
N HIS E 145 4.22 -4.33 -17.32
CA HIS E 145 5.47 -5.06 -17.15
C HIS E 145 5.74 -5.83 -18.44
N THR E 146 4.68 -6.36 -19.07
CA THR E 146 4.88 -7.13 -20.30
C THR E 146 5.23 -6.24 -21.49
N ALA E 147 4.63 -5.05 -21.52
CA ALA E 147 4.86 -4.06 -22.56
C ALA E 147 6.30 -3.55 -22.45
N LEU E 148 6.64 -3.14 -21.22
CA LEU E 148 7.96 -2.61 -20.87
C LEU E 148 9.08 -3.59 -21.17
N GLN E 149 8.93 -4.80 -20.64
CA GLN E 149 9.94 -5.82 -20.81
C GLN E 149 10.15 -6.20 -22.27
N ALA E 150 9.09 -6.13 -23.06
CA ALA E 150 9.23 -6.45 -24.47
C ALA E 150 9.97 -5.28 -25.12
N ALA E 151 9.53 -4.07 -24.81
CA ALA E 151 10.17 -2.89 -25.38
C ALA E 151 11.66 -2.85 -25.05
N ILE E 152 12.01 -3.10 -23.80
CA ILE E 152 13.41 -3.08 -23.40
C ILE E 152 14.26 -4.12 -24.14
N ASN E 153 13.75 -5.34 -24.26
CA ASN E 153 14.51 -6.40 -24.95
C ASN E 153 14.64 -6.15 -26.44
N LYS E 154 13.95 -5.14 -26.94
CA LYS E 154 14.02 -4.80 -28.36
C LYS E 154 14.92 -3.59 -28.54
N THR E 155 14.95 -2.74 -27.52
CA THR E 155 15.73 -1.50 -27.50
C THR E 155 17.17 -1.65 -27.06
N VAL E 156 17.36 -2.30 -25.92
CA VAL E 156 18.67 -2.53 -25.34
C VAL E 156 19.29 -3.76 -25.97
N LYS E 157 20.51 -3.62 -26.48
CA LYS E 157 21.18 -4.73 -27.13
C LYS E 157 22.70 -4.50 -27.10
N GLY E 158 23.46 -5.52 -27.46
CA GLY E 158 24.92 -5.39 -27.50
C GLY E 158 25.68 -5.60 -26.20
N ASP E 159 24.95 -5.77 -25.10
CA ASP E 159 25.55 -5.99 -23.79
C ASP E 159 26.56 -4.89 -23.43
N ASN E 160 26.09 -3.65 -23.47
CA ASN E 160 26.98 -2.56 -23.13
C ASN E 160 27.18 -2.53 -21.62
N LEU E 161 27.95 -3.48 -21.12
CA LEU E 161 28.23 -3.59 -19.68
C LEU E 161 29.27 -2.57 -19.21
N VAL E 162 29.00 -1.98 -18.05
CA VAL E 162 29.95 -1.05 -17.46
C VAL E 162 31.31 -1.74 -17.39
N ASP E 163 32.36 -1.06 -17.86
CA ASP E 163 33.69 -1.65 -17.84
C ASP E 163 34.12 -1.91 -16.41
N ILE E 164 34.47 -3.16 -16.11
CA ILE E 164 34.86 -3.51 -14.75
C ILE E 164 35.92 -2.60 -14.15
N SER E 165 36.79 -2.05 -14.99
CA SER E 165 37.84 -1.15 -14.51
C SER E 165 37.27 0.14 -13.92
N LYS E 166 36.01 0.48 -14.25
CA LYS E 166 35.42 1.69 -13.71
C LYS E 166 35.04 1.50 -12.26
N VAL E 167 34.57 0.30 -11.90
CA VAL E 167 34.18 0.05 -10.49
C VAL E 167 35.28 -0.58 -9.65
N ALA E 168 36.44 -0.82 -10.26
CA ALA E 168 37.59 -1.39 -9.57
C ALA E 168 38.62 -0.29 -9.42
N ASP E 169 39.28 -0.23 -8.27
CA ASP E 169 40.27 0.81 -8.05
C ASP E 169 39.61 2.17 -8.24
N ALA E 170 38.43 2.34 -7.66
CA ALA E 170 37.70 3.60 -7.77
C ALA E 170 38.07 4.56 -6.65
N ALA E 171 39.34 4.50 -6.24
CA ALA E 171 39.86 5.36 -5.17
C ALA E 171 39.85 6.82 -5.61
N GLY E 172 40.45 7.07 -6.77
CA GLY E 172 40.49 8.41 -7.31
C GLY E 172 39.54 8.52 -8.49
N LYS E 173 38.39 7.86 -8.37
CA LYS E 173 37.39 7.88 -9.42
C LYS E 173 36.05 8.41 -8.93
N LYS E 174 35.51 9.42 -9.61
CA LYS E 174 34.23 9.96 -9.23
C LYS E 174 33.35 9.83 -10.48
N GLY E 175 32.06 9.64 -10.28
CA GLY E 175 31.15 9.49 -11.39
C GLY E 175 29.77 9.99 -11.06
N LYS E 176 28.99 10.29 -12.09
CA LYS E 176 27.63 10.77 -11.90
C LYS E 176 26.69 9.58 -11.99
N VAL E 177 25.74 9.49 -11.07
CA VAL E 177 24.82 8.38 -11.05
C VAL E 177 23.99 8.26 -12.32
N ASP E 178 23.56 9.37 -12.89
CA ASP E 178 22.74 9.34 -14.11
C ASP E 178 23.39 8.54 -15.23
N ALA E 179 24.64 8.12 -15.02
CA ALA E 179 25.32 7.33 -16.02
C ALA E 179 24.74 5.90 -16.05
N GLY E 180 23.88 5.61 -15.07
CA GLY E 180 23.25 4.30 -14.98
C GLY E 180 21.89 4.26 -15.64
N ILE E 181 21.41 5.44 -16.03
CA ILE E 181 20.13 5.58 -16.69
C ILE E 181 20.17 5.07 -18.12
N VAL E 182 19.22 4.19 -18.46
CA VAL E 182 19.11 3.58 -19.78
C VAL E 182 17.70 3.76 -20.35
N LYS E 183 17.59 4.23 -21.58
CA LYS E 183 16.25 4.41 -22.17
C LYS E 183 15.62 3.05 -22.43
N ALA E 184 14.35 2.93 -22.02
CA ALA E 184 13.58 1.70 -22.15
C ALA E 184 13.07 1.44 -23.56
N SER E 185 12.70 2.49 -24.27
CA SER E 185 12.17 2.34 -25.61
C SER E 185 12.47 3.57 -26.42
N ALA E 186 11.96 3.57 -27.64
CA ALA E 186 12.14 4.70 -28.54
C ALA E 186 11.05 5.74 -28.31
N SER E 187 10.40 5.69 -27.15
CA SER E 187 9.33 6.66 -26.87
C SER E 187 9.80 8.09 -27.13
N LYS E 188 8.86 8.93 -27.52
CA LYS E 188 9.11 10.33 -27.83
C LYS E 188 9.35 11.17 -26.56
N GLY E 189 8.51 10.97 -25.55
CA GLY E 189 8.63 11.74 -24.32
C GLY E 189 9.34 11.05 -23.17
N ASP E 190 9.23 11.63 -21.97
CA ASP E 190 9.88 11.07 -20.81
C ASP E 190 9.03 9.99 -20.15
N GLU E 191 7.87 9.72 -20.73
CA GLU E 191 6.93 8.72 -20.24
C GLU E 191 6.96 7.50 -21.16
N PHE E 192 6.90 6.30 -20.59
CA PHE E 192 6.90 5.08 -21.40
C PHE E 192 5.57 5.03 -22.13
N SER E 193 5.58 4.66 -23.40
CA SER E 193 4.35 4.60 -24.17
C SER E 193 4.40 3.57 -25.28
N ASP E 194 5.44 2.76 -25.29
CA ASP E 194 5.55 1.75 -26.34
C ASP E 194 4.64 0.53 -26.10
N PHE E 195 3.33 0.71 -26.25
CA PHE E 195 2.37 -0.39 -26.09
C PHE E 195 1.90 -0.91 -27.44
N SER E 196 1.50 -2.19 -27.46
CA SER E 196 1.05 -2.82 -28.69
C SER E 196 -0.47 -2.74 -28.92
N PHE E 197 -1.23 -2.60 -27.85
CA PHE E 197 -2.68 -2.52 -28.00
C PHE E 197 -2.99 -1.23 -28.76
N LYS E 198 -4.01 -1.25 -29.62
CA LYS E 198 -4.33 -0.03 -30.34
C LYS E 198 -5.40 0.72 -29.56
N GLU E 199 -5.00 1.85 -28.99
CA GLU E 199 -5.89 2.68 -28.19
C GLU E 199 -7.24 2.90 -28.84
N GLY E 200 -8.28 2.33 -28.26
CA GLY E 200 -9.62 2.49 -28.81
C GLY E 200 -9.98 3.96 -28.93
N ASN E 201 -10.88 4.27 -29.85
CA ASN E 201 -11.32 5.64 -30.07
C ASN E 201 -12.82 5.64 -30.28
N THR E 202 -13.52 6.54 -29.60
CA THR E 202 -14.96 6.65 -29.73
C THR E 202 -15.43 7.89 -29.01
N ALA E 203 -16.17 8.73 -29.74
CA ALA E 203 -16.69 9.97 -29.21
C ALA E 203 -17.68 9.68 -28.08
N THR E 204 -17.47 10.34 -26.95
CA THR E 204 -18.33 10.13 -25.80
C THR E 204 -18.73 11.49 -25.22
N LEU E 205 -19.86 11.53 -24.52
CA LEU E 205 -20.34 12.77 -23.95
C LEU E 205 -19.85 13.04 -22.53
N LYS E 206 -19.55 14.30 -22.25
CA LYS E 206 -19.11 14.69 -20.93
C LYS E 206 -20.35 14.81 -20.08
N ILE E 207 -20.31 14.25 -18.89
CA ILE E 207 -21.45 14.29 -17.98
C ILE E 207 -22.00 15.69 -17.78
N ALA E 208 -21.19 16.71 -18.05
CA ALA E 208 -21.64 18.09 -17.88
C ALA E 208 -22.58 18.53 -19.00
N ASP E 209 -22.33 18.06 -20.23
CA ASP E 209 -23.16 18.43 -21.37
C ASP E 209 -24.56 17.83 -21.21
N ILE E 210 -24.61 16.58 -20.78
CA ILE E 210 -25.89 15.91 -20.58
C ILE E 210 -26.67 16.58 -19.45
N PHE E 211 -25.97 17.38 -18.65
CA PHE E 211 -26.59 18.10 -17.54
C PHE E 211 -27.26 19.36 -18.10
N VAL E 212 -26.58 20.00 -19.05
CA VAL E 212 -27.11 21.20 -19.66
C VAL E 212 -28.24 20.83 -20.60
N GLN E 213 -28.11 19.68 -21.27
CA GLN E 213 -29.13 19.22 -22.19
C GLN E 213 -30.45 18.91 -21.48
N GLU E 214 -30.39 18.78 -20.15
CA GLU E 214 -31.60 18.49 -19.37
C GLU E 214 -31.98 19.60 -18.41
N LYS E 215 -31.13 20.61 -18.29
CA LYS E 215 -31.39 21.75 -17.42
C LYS E 215 -30.34 22.85 -17.59
N GLY E 216 -30.44 23.57 -18.71
CA GLY E 216 -29.51 24.65 -19.02
C GLY E 216 -28.83 25.36 -17.86
NA NA F . -28.00 32.72 22.11
NA NA G . -21.37 38.00 21.75
NA NA H . -24.68 35.19 21.79
NA NA I . -18.27 40.85 21.10
CL CL J . 31.05 8.49 -7.44
#